data_3HFU
#
_entry.id   3HFU
#
_cell.length_a   62.176
_cell.length_b   98.363
_cell.length_c   86.272
_cell.angle_alpha   90
_cell.angle_beta   103.769
_cell.angle_gamma   90
#
_symmetry.space_group_name_H-M   'P 1 21 1'
#
loop_
_entity.id
_entity.type
_entity.pdbx_description
1 polymer 'HTH-type transcriptional regulator cynR'
2 non-polymer 'AZIDE ION'
3 non-polymer 1,2-ETHANEDIOL
4 water water
#
_entity_poly.entity_id   1
_entity_poly.type   'polypeptide(L)'
_entity_poly.pdbx_seq_one_letter_code
;GVWRQYASRALQELGAGKRAIHDVADLTRGSLRIAVTPTFTSYFIGPL(MSE)ADFYARYPSITLQLQE(MSE)SQEKIE
D(MSE)LCRDELDVGIAFAPVHSPELEAIPLLTESLALVVAQHHPLAVHEQVALSRLHDEKLVLLSAEFATREQIDHYCE
KAGLHPQVVIEANSISAVLELIRRTSLSTLLPAAIATQHDGLKAISLAPPLLERTAVLLRRKNSWQTAAAKAFLH(MSE)
ALDKCAVVGGNESR
;
_entity_poly.pdbx_strand_id   A,B,C,D
#
# COMPACT_ATOMS: atom_id res chain seq x y z
N GLY A 30 26.16 17.62 10.09
CA GLY A 30 25.20 17.58 8.95
C GLY A 30 25.88 17.20 7.64
N SER A 31 25.14 16.56 6.74
CA SER A 31 25.70 16.15 5.46
C SER A 31 25.28 17.01 4.27
N LEU A 32 24.02 17.46 4.21
CA LEU A 32 23.60 18.27 3.07
C LEU A 32 22.42 19.21 3.33
N ARG A 33 22.73 20.52 3.33
CA ARG A 33 21.76 21.61 3.56
C ARG A 33 21.27 22.24 2.23
N ILE A 34 20.00 22.08 1.93
CA ILE A 34 19.41 22.60 0.69
C ILE A 34 18.35 23.68 0.99
N ALA A 35 18.31 24.70 0.13
CA ALA A 35 17.33 25.78 0.23
C ALA A 35 16.88 26.12 -1.19
N VAL A 36 15.57 26.32 -1.36
CA VAL A 36 14.99 26.62 -2.66
C VAL A 36 13.89 27.63 -2.50
N THR A 37 13.59 28.35 -3.57
CA THR A 37 12.50 29.33 -3.49
C THR A 37 11.19 28.54 -3.51
N PRO A 38 10.15 29.07 -2.87
CA PRO A 38 8.84 28.42 -2.79
C PRO A 38 8.35 27.51 -3.90
N THR A 39 8.28 27.99 -5.15
CA THR A 39 7.73 27.15 -6.20
C THR A 39 8.39 25.81 -6.45
N PHE A 40 9.70 25.70 -6.27
CA PHE A 40 10.37 24.42 -6.52
C PHE A 40 9.92 23.35 -5.54
N THR A 41 9.48 23.80 -4.37
CA THR A 41 8.98 22.92 -3.34
C THR A 41 7.77 22.12 -3.81
N SER A 42 7.00 22.70 -4.73
CA SER A 42 5.81 22.07 -5.24
C SER A 42 5.93 21.17 -6.46
N TYR A 43 7.15 20.87 -6.92
CA TYR A 43 7.27 19.98 -8.08
C TYR A 43 8.68 19.54 -8.39
N PHE A 44 9.66 20.31 -7.99
CA PHE A 44 11.04 19.96 -8.30
C PHE A 44 11.86 19.25 -7.21
N ILE A 45 12.10 19.94 -6.11
CA ILE A 45 12.90 19.41 -5.02
C ILE A 45 12.44 18.07 -4.43
N GLY A 46 11.12 17.85 -4.40
CA GLY A 46 10.58 16.62 -3.84
C GLY A 46 11.09 15.36 -4.52
N PRO A 47 10.80 15.19 -5.81
CA PRO A 47 11.24 14.02 -6.57
C PRO A 47 12.77 13.87 -6.56
N LEU A 48 13.47 14.99 -6.52
CA LEU A 48 14.92 14.98 -6.53
C LEU A 48 15.51 14.46 -5.21
N ALA A 50 14.07 12.72 -3.04
CA ALA A 50 13.61 11.35 -2.88
C ALA A 50 14.59 10.40 -3.53
N ASP A 51 14.99 10.75 -4.76
CA ASP A 51 15.93 9.95 -5.51
C ASP A 51 17.31 9.99 -4.88
N PHE A 52 17.73 11.18 -4.45
CA PHE A 52 19.04 11.32 -3.83
C PHE A 52 19.14 10.48 -2.57
N TYR A 53 18.09 10.53 -1.75
CA TYR A 53 18.08 9.75 -0.52
C TYR A 53 18.17 8.26 -0.81
N ALA A 54 17.36 7.79 -1.74
CA ALA A 54 17.35 6.38 -2.09
C ALA A 54 18.72 5.93 -2.61
N ARG A 55 19.47 6.85 -3.19
CA ARG A 55 20.79 6.53 -3.72
C ARG A 55 21.90 6.62 -2.66
N TYR A 56 21.82 7.62 -1.78
CA TYR A 56 22.84 7.80 -0.74
C TYR A 56 22.13 7.98 0.60
N PRO A 57 21.43 6.93 1.09
CA PRO A 57 20.68 6.93 2.35
C PRO A 57 21.49 7.39 3.57
N SER A 58 22.80 7.29 3.47
CA SER A 58 23.70 7.66 4.55
C SER A 58 23.84 9.16 4.76
N ILE A 59 23.41 9.92 3.77
CA ILE A 59 23.49 11.37 3.87
C ILE A 59 22.19 11.95 4.42
N THR A 60 22.27 12.64 5.54
CA THR A 60 21.09 13.25 6.13
C THR A 60 20.85 14.59 5.43
N LEU A 61 19.59 14.84 5.09
CA LEU A 61 19.23 16.05 4.37
C LEU A 61 18.42 17.10 5.12
N GLN A 62 18.74 18.35 4.82
CA GLN A 62 18.08 19.51 5.42
C GLN A 62 17.53 20.32 4.23
N LEU A 63 16.22 20.53 4.22
CA LEU A 63 15.57 21.29 3.16
C LEU A 63 14.77 22.46 3.73
N GLN A 64 15.03 23.66 3.22
CA GLN A 64 14.30 24.84 3.67
C GLN A 64 13.87 25.69 2.48
N GLU A 65 12.61 26.10 2.46
CA GLU A 65 12.13 26.93 1.38
C GLU A 65 12.16 28.37 1.88
N SER A 67 13.09 32.88 0.63
CA SER A 67 13.25 33.89 -0.39
C SER A 67 14.67 33.81 -0.97
N GLN A 68 14.81 34.18 -2.23
CA GLN A 68 16.10 34.15 -2.86
C GLN A 68 17.16 34.98 -2.12
N GLU A 69 16.72 36.08 -1.50
CA GLU A 69 17.64 36.95 -0.76
C GLU A 69 18.27 36.14 0.35
N LYS A 70 17.44 35.38 1.06
CA LYS A 70 17.90 34.55 2.15
C LYS A 70 18.83 33.44 1.67
N ILE A 71 18.45 32.75 0.60
CA ILE A 71 19.28 31.68 0.07
C ILE A 71 20.66 32.26 -0.23
N GLU A 72 20.68 33.34 -1.01
CA GLU A 72 21.94 33.95 -1.38
C GLU A 72 22.77 34.31 -0.15
N ASP A 73 22.15 34.98 0.81
CA ASP A 73 22.85 35.38 2.03
C ASP A 73 23.47 34.19 2.77
N LEU A 75 24.13 31.18 1.63
CA LEU A 75 25.17 30.48 0.86
C LEU A 75 26.50 31.20 1.05
N CYS A 76 26.45 32.53 1.11
CA CYS A 76 27.66 33.32 1.29
C CYS A 76 28.25 33.07 2.67
N ARG A 77 27.38 32.77 3.63
CA ARG A 77 27.80 32.52 5.00
C ARG A 77 28.04 31.03 5.28
N ASP A 78 28.12 30.24 4.21
CA ASP A 78 28.34 28.80 4.34
C ASP A 78 27.35 28.13 5.30
N GLU A 79 26.13 28.62 5.31
CA GLU A 79 25.06 28.07 6.14
C GLU A 79 24.20 27.12 5.30
N LEU A 80 24.48 27.10 4.01
CA LEU A 80 23.77 26.25 3.05
C LEU A 80 24.79 25.66 2.09
N ASP A 81 24.52 24.45 1.61
CA ASP A 81 25.42 23.79 0.67
C ASP A 81 24.99 24.06 -0.78
N VAL A 82 23.69 23.97 -1.03
CA VAL A 82 23.14 24.17 -2.35
C VAL A 82 21.90 25.04 -2.27
N GLY A 83 21.66 25.80 -3.35
CA GLY A 83 20.51 26.66 -3.41
C GLY A 83 19.86 26.56 -4.77
N ILE A 84 18.55 26.82 -4.83
CA ILE A 84 17.81 26.78 -6.09
C ILE A 84 16.92 28.01 -6.16
N ALA A 85 17.17 28.88 -7.14
CA ALA A 85 16.40 30.10 -7.31
C ALA A 85 16.42 30.52 -8.76
N PHE A 86 16.27 31.80 -9.03
CA PHE A 86 16.23 32.27 -10.41
C PHE A 86 17.26 33.34 -10.75
N ALA A 87 17.51 33.48 -12.05
CA ALA A 87 18.43 34.50 -12.51
C ALA A 87 17.59 35.76 -12.45
N PRO A 88 18.22 36.91 -12.19
CA PRO A 88 19.65 37.03 -11.96
C PRO A 88 20.05 36.87 -10.50
N VAL A 89 21.27 36.41 -10.28
CA VAL A 89 21.79 36.25 -8.93
C VAL A 89 22.46 37.59 -8.60
N HIS A 90 22.27 38.06 -7.38
CA HIS A 90 22.83 39.34 -6.96
C HIS A 90 24.20 39.24 -6.33
N SER A 91 24.43 38.21 -5.52
CA SER A 91 25.71 38.03 -4.86
C SER A 91 26.78 37.60 -5.87
N PRO A 92 27.91 38.32 -5.89
CA PRO A 92 29.01 38.00 -6.81
C PRO A 92 29.80 36.77 -6.40
N GLU A 93 29.72 36.42 -5.12
CA GLU A 93 30.44 35.27 -4.57
C GLU A 93 29.76 33.95 -4.91
N LEU A 94 28.58 34.03 -5.49
CA LEU A 94 27.83 32.83 -5.83
C LEU A 94 27.93 32.50 -7.30
N GLU A 95 27.90 31.21 -7.59
CA GLU A 95 27.96 30.75 -8.96
C GLU A 95 26.56 30.28 -9.31
N ALA A 96 26.17 30.44 -10.57
CA ALA A 96 24.84 30.04 -10.99
C ALA A 96 24.87 29.12 -12.19
N ILE A 97 24.25 27.96 -12.03
CA ILE A 97 24.19 26.98 -13.11
C ILE A 97 22.75 26.87 -13.61
N PRO A 98 22.52 27.23 -14.88
CA PRO A 98 21.19 27.17 -15.48
C PRO A 98 20.57 25.77 -15.30
N LEU A 99 19.38 25.74 -14.71
CA LEU A 99 18.68 24.50 -14.44
C LEU A 99 17.55 24.22 -15.43
N LEU A 100 16.57 25.11 -15.45
CA LEU A 100 15.43 24.97 -16.34
C LEU A 100 14.71 26.31 -16.53
N THR A 101 13.78 26.35 -17.47
CA THR A 101 13.00 27.54 -17.76
C THR A 101 11.56 27.33 -17.31
N GLU A 102 11.13 28.02 -16.27
CA GLU A 102 9.76 27.83 -15.84
C GLU A 102 8.91 29.01 -16.26
N SER A 103 7.82 28.74 -16.97
CA SER A 103 6.94 29.81 -17.41
C SER A 103 5.57 29.71 -16.72
N LEU A 104 5.04 30.85 -16.29
CA LEU A 104 3.75 30.84 -15.61
C LEU A 104 2.61 30.46 -16.52
N ALA A 105 1.65 29.75 -15.95
CA ALA A 105 0.48 29.30 -16.69
C ALA A 105 -0.77 29.49 -15.85
N LEU A 106 -1.92 29.38 -16.48
CA LEU A 106 -3.19 29.51 -15.76
C LEU A 106 -3.50 28.10 -15.22
N VAL A 107 -3.40 27.94 -13.91
CA VAL A 107 -3.67 26.65 -13.33
C VAL A 107 -5.10 26.55 -12.84
N VAL A 108 -5.80 25.54 -13.36
CA VAL A 108 -7.20 25.35 -13.03
C VAL A 108 -7.58 23.88 -12.77
N ALA A 109 -8.79 23.69 -12.27
CA ALA A 109 -9.33 22.37 -12.01
C ALA A 109 -9.85 21.85 -13.33
N GLN A 110 -10.08 20.53 -13.41
CA GLN A 110 -10.57 19.96 -14.64
C GLN A 110 -11.99 20.45 -14.94
N HIS A 111 -12.68 20.92 -13.92
CA HIS A 111 -14.04 21.42 -14.13
C HIS A 111 -14.12 22.93 -14.39
N HIS A 112 -12.98 23.57 -14.55
CA HIS A 112 -12.95 25.00 -14.85
C HIS A 112 -13.23 25.11 -16.35
N PRO A 113 -14.12 26.03 -16.74
CA PRO A 113 -14.49 26.23 -18.13
C PRO A 113 -13.40 26.39 -19.17
N LEU A 114 -12.18 26.72 -18.76
CA LEU A 114 -11.10 26.89 -19.74
C LEU A 114 -10.21 25.66 -19.82
N ALA A 115 -10.42 24.73 -18.89
CA ALA A 115 -9.64 23.50 -18.82
C ALA A 115 -9.62 22.71 -20.13
N VAL A 116 -10.63 22.91 -20.96
CA VAL A 116 -10.71 22.24 -22.25
C VAL A 116 -9.59 22.65 -23.18
N HIS A 117 -8.97 23.80 -22.89
CA HIS A 117 -7.90 24.30 -23.74
C HIS A 117 -6.53 23.98 -23.21
N GLU A 118 -5.56 24.00 -24.12
CA GLU A 118 -4.16 23.74 -23.77
C GLU A 118 -3.48 25.08 -23.68
N GLN A 119 -4.03 26.04 -24.42
CA GLN A 119 -3.49 27.38 -24.47
C GLN A 119 -4.60 28.40 -24.72
N VAL A 120 -4.56 29.52 -24.01
CA VAL A 120 -5.54 30.58 -24.20
C VAL A 120 -4.80 31.91 -24.32
N ALA A 121 -5.49 32.90 -24.88
CA ALA A 121 -4.93 34.25 -25.06
C ALA A 121 -4.64 34.85 -23.70
N LEU A 122 -3.60 35.68 -23.61
CA LEU A 122 -3.25 36.30 -22.34
C LEU A 122 -4.41 37.20 -21.87
N SER A 123 -5.20 37.67 -22.83
CA SER A 123 -6.32 38.55 -22.57
C SER A 123 -7.41 37.91 -21.73
N ARG A 124 -7.40 36.57 -21.63
CA ARG A 124 -8.37 35.81 -20.84
C ARG A 124 -8.33 36.13 -19.35
N LEU A 125 -7.17 36.57 -18.87
CA LEU A 125 -7.01 36.91 -17.47
C LEU A 125 -7.94 37.96 -16.92
N HIS A 126 -8.35 38.91 -17.76
CA HIS A 126 -9.23 39.99 -17.32
C HIS A 126 -10.48 39.43 -16.63
N ASP A 127 -11.01 38.32 -17.15
CA ASP A 127 -12.23 37.75 -16.60
C ASP A 127 -12.01 36.67 -15.57
N GLU A 128 -10.75 36.38 -15.29
CA GLU A 128 -10.41 35.36 -14.31
C GLU A 128 -10.41 35.90 -12.89
N LYS A 129 -11.09 35.21 -12.00
CA LYS A 129 -11.09 35.56 -10.59
C LYS A 129 -9.98 34.65 -10.09
N LEU A 130 -8.93 35.25 -9.56
CA LEU A 130 -7.76 34.51 -9.09
C LEU A 130 -7.56 34.29 -7.62
N VAL A 131 -6.76 33.28 -7.32
CA VAL A 131 -6.33 32.93 -5.98
C VAL A 131 -4.83 33.04 -6.10
N LEU A 132 -4.25 34.08 -5.51
CA LEU A 132 -2.80 34.28 -5.64
C LEU A 132 -2.02 34.21 -4.34
N LEU A 133 -0.72 34.03 -4.49
CA LEU A 133 0.21 34.02 -3.37
C LEU A 133 0.23 35.49 -2.92
N SER A 134 0.56 35.74 -1.65
CA SER A 134 0.62 37.11 -1.18
C SER A 134 1.94 37.78 -1.59
N ALA A 135 1.96 39.11 -1.53
CA ALA A 135 3.12 39.91 -1.91
C ALA A 135 4.44 39.37 -1.41
N GLU A 136 4.39 38.72 -0.26
CA GLU A 136 5.57 38.14 0.34
C GLU A 136 6.40 37.41 -0.72
N PHE A 137 5.73 36.61 -1.54
CA PHE A 137 6.36 35.80 -2.57
C PHE A 137 6.80 36.53 -3.83
N ALA A 138 7.99 36.14 -4.31
CA ALA A 138 8.58 36.71 -5.50
C ALA A 138 7.71 36.45 -6.72
N THR A 139 7.12 35.26 -6.81
CA THR A 139 6.28 34.93 -7.93
C THR A 139 5.15 35.92 -8.04
N ARG A 140 4.51 36.22 -6.92
CA ARG A 140 3.41 37.16 -6.95
C ARG A 140 3.91 38.51 -7.45
N GLU A 141 5.05 38.93 -6.92
CA GLU A 141 5.67 40.19 -7.29
C GLU A 141 5.79 40.28 -8.80
N GLN A 142 6.29 39.21 -9.39
CA GLN A 142 6.48 39.14 -10.84
C GLN A 142 5.14 39.22 -11.55
N ILE A 143 4.17 38.46 -11.04
CA ILE A 143 2.84 38.45 -11.64
C ILE A 143 2.32 39.89 -11.71
N ASP A 144 2.39 40.61 -10.60
CA ASP A 144 1.91 41.97 -10.56
C ASP A 144 2.64 42.86 -11.54
N HIS A 145 3.95 42.67 -11.63
CA HIS A 145 4.77 43.46 -12.53
C HIS A 145 4.44 43.24 -14.01
N TYR A 146 4.51 42.00 -14.46
CA TYR A 146 4.19 41.75 -15.84
C TYR A 146 2.69 41.88 -16.20
N CYS A 147 1.81 41.82 -15.23
CA CYS A 147 0.40 41.99 -15.54
C CYS A 147 0.18 43.44 -15.90
N GLU A 148 0.56 44.34 -14.98
CA GLU A 148 0.42 45.76 -15.22
C GLU A 148 1.12 46.13 -16.52
N LYS A 149 2.27 45.49 -16.74
CA LYS A 149 3.08 45.71 -17.94
C LYS A 149 2.29 45.36 -19.20
N ALA A 150 1.44 44.34 -19.09
CA ALA A 150 0.66 43.88 -20.21
C ALA A 150 -0.71 44.52 -20.25
N GLY A 151 -0.95 45.39 -19.28
CA GLY A 151 -2.23 46.04 -19.23
C GLY A 151 -3.33 45.12 -18.72
N LEU A 152 -2.96 44.16 -17.87
CA LEU A 152 -3.91 43.21 -17.32
C LEU A 152 -4.11 43.43 -15.82
N HIS A 153 -5.36 43.52 -15.39
CA HIS A 153 -5.68 43.76 -13.98
C HIS A 153 -6.75 42.78 -13.51
N PRO A 154 -6.42 41.49 -13.46
CA PRO A 154 -7.41 40.54 -13.00
C PRO A 154 -7.75 40.72 -11.52
N GLN A 155 -8.96 40.33 -11.16
CA GLN A 155 -9.45 40.43 -9.79
C GLN A 155 -8.90 39.32 -8.88
N VAL A 156 -8.25 39.69 -7.78
CA VAL A 156 -7.70 38.71 -6.84
C VAL A 156 -8.73 38.54 -5.73
N VAL A 157 -9.53 37.50 -5.81
CA VAL A 157 -10.57 37.28 -4.82
C VAL A 157 -10.11 36.61 -3.54
N ILE A 158 -9.01 35.85 -3.64
CA ILE A 158 -8.44 35.13 -2.52
C ILE A 158 -6.93 35.19 -2.59
N GLU A 159 -6.30 35.38 -1.44
CA GLU A 159 -4.86 35.48 -1.30
C GLU A 159 -4.39 34.53 -0.20
N ALA A 160 -3.29 33.82 -0.43
CA ALA A 160 -2.78 32.88 0.56
C ALA A 160 -1.27 32.92 0.58
N ASN A 161 -0.66 32.56 1.71
CA ASN A 161 0.79 32.58 1.81
C ASN A 161 1.35 31.16 1.76
N SER A 162 0.69 30.31 0.99
CA SER A 162 1.09 28.91 0.83
C SER A 162 0.61 28.36 -0.52
N ILE A 163 1.52 27.83 -1.32
CA ILE A 163 1.17 27.26 -2.63
C ILE A 163 0.12 26.16 -2.51
N SER A 164 0.31 25.27 -1.56
CA SER A 164 -0.59 24.15 -1.35
C SER A 164 -2.01 24.65 -1.13
N ALA A 165 -2.14 25.70 -0.32
CA ALA A 165 -3.45 26.26 -0.02
C ALA A 165 -4.09 26.76 -1.32
N VAL A 166 -3.30 27.43 -2.14
CA VAL A 166 -3.78 27.92 -3.42
C VAL A 166 -4.31 26.74 -4.26
N LEU A 167 -3.49 25.70 -4.37
CA LEU A 167 -3.87 24.53 -5.14
C LEU A 167 -5.14 23.92 -4.56
N GLU A 168 -5.20 23.83 -3.23
CA GLU A 168 -6.36 23.23 -2.57
C GLU A 168 -7.63 23.98 -2.93
N LEU A 169 -7.58 25.31 -2.79
CA LEU A 169 -8.71 26.15 -3.13
C LEU A 169 -9.10 26.03 -4.61
N ILE A 170 -8.11 25.90 -5.49
CA ILE A 170 -8.41 25.79 -6.90
C ILE A 170 -9.09 24.49 -7.26
N ARG A 171 -8.69 23.40 -6.61
CA ARG A 171 -9.26 22.08 -6.87
C ARG A 171 -10.74 22.08 -6.56
N ARG A 172 -11.09 22.76 -5.46
CA ARG A 172 -12.46 22.80 -4.98
C ARG A 172 -13.33 23.91 -5.53
N THR A 173 -12.75 24.82 -6.31
CA THR A 173 -13.52 25.93 -6.86
C THR A 173 -13.38 26.00 -8.36
N SER A 174 -13.94 27.05 -8.96
CA SER A 174 -13.83 27.24 -10.39
C SER A 174 -13.00 28.49 -10.61
N LEU A 175 -12.10 28.74 -9.66
CA LEU A 175 -11.24 29.89 -9.73
C LEU A 175 -9.96 29.44 -10.39
N SER A 176 -9.01 30.35 -10.57
CA SER A 176 -7.75 29.98 -11.19
C SER A 176 -6.60 30.65 -10.47
N THR A 177 -5.38 30.28 -10.86
CA THR A 177 -4.19 30.86 -10.25
C THR A 177 -3.07 30.94 -11.29
N LEU A 178 -2.03 31.68 -10.96
CA LEU A 178 -0.90 31.79 -11.87
C LEU A 178 0.31 31.17 -11.23
N LEU A 179 0.75 30.05 -11.79
CA LEU A 179 1.91 29.36 -11.25
C LEU A 179 2.63 28.64 -12.37
N PRO A 180 3.88 28.23 -12.11
CA PRO A 180 4.60 27.53 -13.17
C PRO A 180 3.80 26.28 -13.56
N ALA A 181 3.75 26.00 -14.86
CA ALA A 181 2.98 24.88 -15.38
C ALA A 181 3.32 23.53 -14.76
N ALA A 182 4.61 23.31 -14.50
CA ALA A 182 5.04 22.06 -13.92
C ALA A 182 4.25 21.62 -12.69
N ILE A 183 3.95 22.55 -11.79
CA ILE A 183 3.20 22.21 -10.59
C ILE A 183 1.92 21.44 -10.91
N ALA A 184 1.34 21.70 -12.08
CA ALA A 184 0.09 21.04 -12.45
C ALA A 184 0.28 19.59 -12.84
N THR A 185 1.45 19.26 -13.37
CA THR A 185 1.72 17.90 -13.78
C THR A 185 1.83 17.00 -12.53
N GLN A 186 1.91 17.62 -11.36
CA GLN A 186 2.04 16.90 -10.11
C GLN A 186 0.69 16.55 -9.49
N HIS A 187 -0.37 17.11 -10.05
CA HIS A 187 -1.71 16.87 -9.53
C HIS A 187 -2.71 16.56 -10.65
N ASP A 188 -3.44 15.47 -10.47
CA ASP A 188 -4.39 15.03 -11.48
C ASP A 188 -5.52 16.01 -11.75
N GLY A 189 -6.20 16.43 -10.70
CA GLY A 189 -7.33 17.34 -10.85
C GLY A 189 -6.95 18.72 -11.33
N LEU A 190 -5.65 18.98 -11.43
CA LEU A 190 -5.16 20.28 -11.86
C LEU A 190 -4.58 20.23 -13.27
N LYS A 191 -4.79 21.31 -14.01
CA LYS A 191 -4.28 21.45 -15.37
C LYS A 191 -3.70 22.83 -15.61
N ALA A 192 -2.58 22.87 -16.32
CA ALA A 192 -1.92 24.11 -16.64
C ALA A 192 -2.32 24.59 -18.04
N ILE A 193 -2.90 25.78 -18.13
CA ILE A 193 -3.28 26.32 -19.43
C ILE A 193 -2.21 27.33 -19.87
N SER A 194 -1.67 27.12 -21.07
CA SER A 194 -0.64 28.02 -21.60
C SER A 194 -1.24 29.35 -21.97
N LEU A 195 -0.47 30.40 -21.69
CA LEU A 195 -0.87 31.76 -22.00
C LEU A 195 -0.16 32.25 -23.26
N ALA A 196 -0.93 32.85 -24.17
CA ALA A 196 -0.39 33.35 -25.43
C ALA A 196 -0.76 34.83 -25.67
N PRO A 197 0.24 35.72 -25.65
CA PRO A 197 1.67 35.44 -25.43
C PRO A 197 2.00 35.18 -23.95
N PRO A 198 3.21 34.69 -23.67
CA PRO A 198 3.60 34.40 -22.28
C PRO A 198 3.65 35.62 -21.35
N LEU A 199 3.15 35.43 -20.14
CA LEU A 199 3.14 36.48 -19.14
C LEU A 199 4.53 36.61 -18.54
N LEU A 200 5.03 35.52 -18.00
CA LEU A 200 6.34 35.51 -17.37
C LEU A 200 7.13 34.22 -17.58
N GLU A 201 8.42 34.35 -17.86
CA GLU A 201 9.29 33.19 -18.02
C GLU A 201 10.58 33.48 -17.26
N ARG A 202 10.89 32.63 -16.29
CA ARG A 202 12.08 32.76 -15.46
C ARG A 202 13.06 31.60 -15.69
N THR A 203 14.33 31.84 -15.45
CA THR A 203 15.31 30.80 -15.60
C THR A 203 15.72 30.30 -14.21
N ALA A 204 15.43 29.01 -13.96
CA ALA A 204 15.76 28.38 -12.69
C ALA A 204 17.25 28.10 -12.66
N VAL A 205 17.87 28.36 -11.53
CA VAL A 205 19.31 28.16 -11.41
C VAL A 205 19.74 27.52 -10.10
N LEU A 206 20.85 26.78 -10.17
CA LEU A 206 21.44 26.11 -9.00
C LEU A 206 22.49 27.06 -8.44
N LEU A 207 22.43 27.32 -7.14
CA LEU A 207 23.39 28.25 -6.55
C LEU A 207 24.36 27.59 -5.59
N ARG A 208 25.62 28.01 -5.69
CA ARG A 208 26.68 27.52 -4.80
C ARG A 208 27.70 28.65 -4.70
N ARG A 209 28.46 28.65 -3.62
CA ARG A 209 29.47 29.68 -3.41
C ARG A 209 30.70 29.32 -4.25
N LYS A 210 31.20 30.26 -5.05
CA LYS A 210 32.38 30.00 -5.87
C LYS A 210 33.59 29.89 -4.94
N ASN A 211 34.70 29.41 -5.48
CA ASN A 211 35.92 29.28 -4.69
C ASN A 211 35.63 28.60 -3.35
N SER A 212 34.77 27.60 -3.40
CA SER A 212 34.40 26.84 -2.21
C SER A 212 34.31 25.39 -2.66
N TRP A 213 35.07 24.52 -2.02
CA TRP A 213 35.07 23.12 -2.40
C TRP A 213 33.90 22.37 -1.78
N GLN A 214 33.11 21.75 -2.65
CA GLN A 214 31.94 21.01 -2.23
C GLN A 214 32.23 19.57 -1.82
N THR A 215 31.35 19.06 -0.97
CA THR A 215 31.46 17.69 -0.49
C THR A 215 31.00 16.77 -1.61
N ALA A 216 31.29 15.49 -1.49
CA ALA A 216 30.89 14.53 -2.51
C ALA A 216 29.37 14.54 -2.65
N ALA A 217 28.69 14.75 -1.53
CA ALA A 217 27.23 14.79 -1.51
C ALA A 217 26.75 15.96 -2.36
N ALA A 218 27.30 17.13 -2.08
CA ALA A 218 26.93 18.35 -2.79
C ALA A 218 27.11 18.16 -4.29
N LYS A 219 28.24 17.58 -4.69
CA LYS A 219 28.52 17.34 -6.09
C LYS A 219 27.53 16.37 -6.74
N ALA A 220 27.27 15.24 -6.08
CA ALA A 220 26.32 14.28 -6.62
C ALA A 220 24.95 14.94 -6.73
N PHE A 221 24.67 15.82 -5.78
CA PHE A 221 23.37 16.50 -5.81
C PHE A 221 23.25 17.29 -7.10
N LEU A 222 24.23 18.16 -7.31
CA LEU A 222 24.32 19.00 -8.48
C LEU A 222 24.12 18.15 -9.75
N HIS A 223 24.92 17.10 -9.88
CA HIS A 223 24.83 16.20 -11.02
C HIS A 223 23.40 15.72 -11.22
N ALA A 225 20.53 16.82 -10.04
CA ALA A 225 19.59 17.89 -10.36
C ALA A 225 19.64 18.16 -11.85
N LEU A 226 20.85 18.21 -12.39
CA LEU A 226 21.07 18.47 -13.81
C LEU A 226 20.61 17.34 -14.70
N ASP A 227 20.78 16.11 -14.26
CA ASP A 227 20.35 14.97 -15.05
C ASP A 227 18.84 14.94 -15.15
N LYS A 228 18.18 15.47 -14.14
CA LYS A 228 16.73 15.47 -14.13
C LYS A 228 16.14 16.51 -15.09
N CYS A 229 16.89 17.54 -15.41
CA CYS A 229 16.39 18.57 -16.30
C CYS A 229 16.81 18.39 -17.75
N ALA A 230 17.40 17.23 -18.05
CA ALA A 230 17.85 16.94 -19.40
C ALA A 230 16.78 16.33 -20.30
N VAL A 231 15.75 15.75 -19.69
CA VAL A 231 14.67 15.12 -20.46
C VAL A 231 14.24 15.98 -21.64
N THR B 28 12.26 -10.57 -26.49
CA THR B 28 11.96 -11.80 -25.72
C THR B 28 10.55 -12.30 -26.02
N ARG B 29 10.44 -13.31 -26.87
CA ARG B 29 9.16 -13.89 -27.26
C ARG B 29 8.25 -14.01 -26.04
N GLY B 30 8.48 -15.04 -25.22
CA GLY B 30 7.68 -15.20 -24.02
C GLY B 30 6.71 -16.37 -24.00
N SER B 31 7.00 -17.35 -23.14
CA SER B 31 6.17 -18.55 -22.96
C SER B 31 6.93 -19.52 -22.06
N LEU B 32 6.29 -19.98 -20.98
CA LEU B 32 6.97 -20.87 -20.05
C LEU B 32 6.04 -21.67 -19.13
N ARG B 33 6.04 -22.99 -19.31
CA ARG B 33 5.22 -23.92 -18.54
C ARG B 33 6.02 -24.55 -17.40
N ILE B 34 5.56 -24.35 -16.17
CA ILE B 34 6.28 -24.86 -15.00
C ILE B 34 5.42 -25.76 -14.14
N ALA B 35 5.99 -26.84 -13.65
CA ALA B 35 5.24 -27.74 -12.76
C ALA B 35 6.12 -28.09 -11.55
N VAL B 36 5.52 -28.08 -10.38
CA VAL B 36 6.25 -28.40 -9.15
C VAL B 36 5.40 -29.31 -8.26
N THR B 37 6.07 -30.05 -7.38
CA THR B 37 5.36 -30.92 -6.48
C THR B 37 4.80 -29.97 -5.41
N PRO B 38 3.70 -30.36 -4.75
CA PRO B 38 3.02 -29.60 -3.72
C PRO B 38 3.79 -28.70 -2.76
N THR B 39 4.80 -29.25 -2.08
CA THR B 39 5.53 -28.42 -1.10
C THR B 39 6.21 -27.17 -1.62
N PHE B 40 6.78 -27.23 -2.82
CA PHE B 40 7.47 -26.05 -3.35
C PHE B 40 6.56 -24.86 -3.54
N THR B 41 5.29 -25.15 -3.79
CA THR B 41 4.29 -24.13 -4.00
C THR B 41 4.15 -23.24 -2.79
N SER B 42 4.46 -23.79 -1.62
CA SER B 42 4.31 -23.07 -0.38
C SER B 42 5.48 -22.23 0.09
N TYR B 43 6.58 -22.21 -0.65
CA TYR B 43 7.71 -21.40 -0.20
C TYR B 43 8.75 -21.07 -1.25
N PHE B 44 8.88 -21.94 -2.24
CA PHE B 44 9.89 -21.74 -3.26
C PHE B 44 9.45 -21.05 -4.55
N ILE B 45 8.59 -21.72 -5.30
CA ILE B 45 8.12 -21.24 -6.59
C ILE B 45 7.48 -19.85 -6.60
N GLY B 46 6.88 -19.46 -5.48
CA GLY B 46 6.24 -18.15 -5.39
C GLY B 46 7.21 -17.00 -5.60
N PRO B 47 8.20 -16.85 -4.71
CA PRO B 47 9.19 -15.79 -4.81
C PRO B 47 10.05 -15.88 -6.08
N LEU B 48 10.23 -17.09 -6.58
CA LEU B 48 11.02 -17.31 -7.77
C LEU B 48 10.31 -16.78 -9.02
N ALA B 50 7.94 -14.63 -9.12
CA ALA B 50 7.72 -13.20 -9.00
C ALA B 50 8.96 -12.45 -9.49
N ASP B 51 10.13 -12.98 -9.16
CA ASP B 51 11.35 -12.35 -9.61
C ASP B 51 11.48 -12.50 -11.12
N PHE B 52 11.29 -13.71 -11.63
CA PHE B 52 11.38 -13.96 -13.05
C PHE B 52 10.46 -13.02 -13.83
N TYR B 53 9.22 -12.88 -13.36
CA TYR B 53 8.27 -12.00 -14.03
C TYR B 53 8.74 -10.55 -14.08
N ALA B 54 9.19 -10.04 -12.93
CA ALA B 54 9.66 -8.67 -12.84
C ALA B 54 10.84 -8.47 -13.79
N ARG B 55 11.67 -9.50 -13.93
CA ARG B 55 12.82 -9.44 -14.81
C ARG B 55 12.44 -9.55 -16.28
N TYR B 56 11.51 -10.45 -16.58
CA TYR B 56 11.10 -10.66 -17.96
C TYR B 56 9.57 -10.61 -18.09
N PRO B 57 8.95 -9.45 -17.80
CA PRO B 57 7.50 -9.30 -17.90
C PRO B 57 6.87 -9.76 -19.20
N SER B 58 7.69 -9.84 -20.24
CA SER B 58 7.20 -10.22 -21.56
C SER B 58 6.94 -11.71 -21.73
N ILE B 59 7.33 -12.49 -20.73
CA ILE B 59 7.14 -13.92 -20.78
C ILE B 59 5.93 -14.30 -19.95
N THR B 60 4.96 -14.95 -20.58
CA THR B 60 3.76 -15.38 -19.88
C THR B 60 4.11 -16.69 -19.15
N LEU B 61 3.60 -16.85 -17.93
CA LEU B 61 3.88 -18.04 -17.14
C LEU B 61 2.69 -18.92 -16.81
N GLN B 62 2.96 -20.22 -16.76
CA GLN B 62 1.97 -21.26 -16.47
C GLN B 62 2.53 -22.10 -15.32
N LEU B 63 1.84 -22.13 -14.20
CA LEU B 63 2.30 -22.92 -13.06
C LEU B 63 1.25 -23.94 -12.63
N GLN B 64 1.72 -25.17 -12.43
CA GLN B 64 0.83 -26.24 -12.01
C GLN B 64 1.52 -27.07 -10.96
N GLU B 65 0.83 -27.34 -9.85
CA GLU B 65 1.39 -28.16 -8.80
C GLU B 65 0.81 -29.54 -9.05
N SER B 67 1.71 -34.24 -8.84
CA SER B 67 2.55 -35.34 -8.36
C SER B 67 3.77 -35.48 -9.26
N GLN B 68 4.87 -35.97 -8.71
CA GLN B 68 6.08 -36.13 -9.48
C GLN B 68 5.88 -37.00 -10.72
N GLU B 69 5.08 -38.05 -10.58
CA GLU B 69 4.82 -38.92 -11.71
C GLU B 69 4.26 -38.11 -12.88
N LYS B 70 3.34 -37.21 -12.59
CA LYS B 70 2.73 -36.38 -13.62
C LYS B 70 3.74 -35.42 -14.24
N ILE B 71 4.56 -34.80 -13.40
CA ILE B 71 5.57 -33.87 -13.90
C ILE B 71 6.45 -34.63 -14.88
N GLU B 72 7.11 -35.67 -14.37
CA GLU B 72 7.99 -36.46 -15.21
C GLU B 72 7.34 -36.87 -16.53
N ASP B 73 6.12 -37.42 -16.48
CA ASP B 73 5.44 -37.82 -17.71
C ASP B 73 5.27 -36.63 -18.67
N LEU B 75 6.86 -33.81 -18.78
CA LEU B 75 8.12 -33.30 -19.29
C LEU B 75 8.60 -34.16 -20.46
N CYS B 76 8.31 -35.45 -20.42
CA CYS B 76 8.72 -36.36 -21.48
C CYS B 76 7.89 -36.11 -22.73
N ARG B 77 6.66 -35.66 -22.54
CA ARG B 77 5.78 -35.39 -23.66
C ARG B 77 5.85 -33.93 -24.10
N ASP B 78 6.89 -33.23 -23.63
CA ASP B 78 7.09 -31.82 -23.97
C ASP B 78 5.86 -30.97 -23.69
N GLU B 79 5.17 -31.29 -22.61
CA GLU B 79 3.99 -30.58 -22.19
C GLU B 79 4.35 -29.60 -21.09
N LEU B 80 5.59 -29.68 -20.62
CA LEU B 80 6.10 -28.80 -19.59
C LEU B 80 7.49 -28.37 -20.03
N ASP B 81 7.92 -27.20 -19.59
CA ASP B 81 9.25 -26.70 -19.95
C ASP B 81 10.20 -27.03 -18.79
N VAL B 82 9.73 -26.80 -17.58
CA VAL B 82 10.52 -27.03 -16.37
C VAL B 82 9.69 -27.72 -15.30
N GLY B 83 10.35 -28.53 -14.49
CA GLY B 83 9.69 -29.23 -13.39
C GLY B 83 10.57 -29.14 -12.16
N ILE B 84 9.96 -29.24 -10.97
CA ILE B 84 10.71 -29.23 -9.71
C ILE B 84 10.14 -30.35 -8.86
N ALA B 85 10.97 -31.31 -8.49
CA ALA B 85 10.54 -32.42 -7.65
C ALA B 85 11.73 -32.95 -6.85
N PHE B 86 11.75 -34.24 -6.53
CA PHE B 86 12.84 -34.82 -5.74
C PHE B 86 13.53 -36.00 -6.37
N ALA B 87 14.70 -36.30 -5.82
CA ALA B 87 15.50 -37.43 -6.25
C ALA B 87 14.90 -38.60 -5.51
N PRO B 88 14.87 -39.79 -6.14
CA PRO B 88 15.36 -40.08 -7.49
C PRO B 88 14.34 -39.90 -8.60
N VAL B 89 14.83 -39.52 -9.78
CA VAL B 89 13.99 -39.33 -10.95
C VAL B 89 13.87 -40.69 -11.62
N HIS B 90 12.65 -41.08 -11.99
CA HIS B 90 12.44 -42.37 -12.60
C HIS B 90 12.59 -42.40 -14.11
N SER B 91 12.23 -41.32 -14.78
CA SER B 91 12.35 -41.26 -16.24
C SER B 91 13.82 -41.05 -16.65
N PRO B 92 14.34 -41.91 -17.54
CA PRO B 92 15.73 -41.75 -17.98
C PRO B 92 15.93 -40.67 -19.03
N GLU B 93 14.83 -40.19 -19.61
CA GLU B 93 14.92 -39.14 -20.62
C GLU B 93 15.05 -37.77 -19.97
N LEU B 94 14.83 -37.73 -18.66
CA LEU B 94 14.91 -36.47 -17.92
C LEU B 94 16.23 -36.27 -17.21
N GLU B 95 16.64 -35.00 -17.11
CA GLU B 95 17.87 -34.67 -16.41
C GLU B 95 17.45 -34.09 -15.08
N ALA B 96 18.31 -34.24 -14.08
CA ALA B 96 18.00 -33.71 -12.75
C ALA B 96 19.16 -32.93 -12.17
N ILE B 97 18.89 -31.65 -11.89
CA ILE B 97 19.88 -30.74 -11.33
C ILE B 97 19.56 -30.50 -9.85
N PRO B 98 20.50 -30.88 -8.95
CA PRO B 98 20.26 -30.70 -7.52
C PRO B 98 19.95 -29.23 -7.21
N LEU B 99 18.83 -28.99 -6.53
CA LEU B 99 18.40 -27.63 -6.17
C LEU B 99 18.66 -27.30 -4.71
N LEU B 100 18.10 -28.10 -3.82
CA LEU B 100 18.27 -27.88 -2.38
C LEU B 100 17.90 -29.12 -1.56
N THR B 101 18.23 -29.10 -0.27
CA THR B 101 17.92 -30.21 0.63
C THR B 101 16.78 -29.76 1.54
N GLU B 102 15.63 -30.41 1.41
CA GLU B 102 14.47 -30.06 2.23
C GLU B 102 14.23 -31.10 3.33
N SER B 103 14.37 -30.70 4.59
CA SER B 103 14.15 -31.64 5.69
C SER B 103 12.89 -31.33 6.50
N LEU B 104 12.08 -32.34 6.76
CA LEU B 104 10.86 -32.14 7.52
C LEU B 104 11.10 -31.67 8.94
N ALA B 105 10.20 -30.81 9.40
CA ALA B 105 10.23 -30.25 10.74
C ALA B 105 8.85 -30.25 11.36
N LEU B 106 8.82 -30.03 12.66
CA LEU B 106 7.56 -29.97 13.35
C LEU B 106 7.15 -28.53 13.21
N VAL B 107 6.08 -28.28 12.48
CA VAL B 107 5.61 -26.93 12.30
C VAL B 107 4.49 -26.62 13.30
N VAL B 108 4.70 -25.56 14.10
CA VAL B 108 3.72 -25.16 15.09
C VAL B 108 3.52 -23.66 15.16
N ALA B 109 2.48 -23.23 15.88
CA ALA B 109 2.18 -21.82 16.06
C ALA B 109 3.06 -21.35 17.21
N GLN B 110 3.24 -20.04 17.31
CA GLN B 110 4.08 -19.49 18.36
C GLN B 110 3.57 -19.79 19.76
N HIS B 111 2.29 -20.10 19.90
CA HIS B 111 1.75 -20.42 21.22
C HIS B 111 1.76 -21.92 21.53
N HIS B 112 2.34 -22.72 20.64
CA HIS B 112 2.44 -24.15 20.88
C HIS B 112 3.51 -24.34 21.96
N PRO B 113 3.26 -25.22 22.95
CA PRO B 113 4.23 -25.44 24.02
C PRO B 113 5.65 -25.82 23.59
N LEU B 114 5.84 -26.33 22.38
CA LEU B 114 7.20 -26.68 21.94
C LEU B 114 7.90 -25.57 21.16
N ALA B 115 7.12 -24.56 20.75
CA ALA B 115 7.63 -23.41 19.99
C ALA B 115 8.89 -22.77 20.59
N VAL B 116 9.03 -22.88 21.90
CA VAL B 116 10.18 -22.31 22.58
C VAL B 116 11.49 -22.95 22.14
N HIS B 117 11.42 -24.14 21.59
CA HIS B 117 12.64 -24.82 21.16
C HIS B 117 12.91 -24.65 19.69
N GLU B 118 14.18 -24.83 19.33
CA GLU B 118 14.60 -24.76 17.94
C GLU B 118 14.68 -26.22 17.45
N GLN B 119 15.02 -27.12 18.38
CA GLN B 119 15.16 -28.52 18.05
C GLN B 119 14.68 -29.43 19.18
N VAL B 120 13.95 -30.48 18.85
CA VAL B 120 13.51 -31.41 19.88
C VAL B 120 13.83 -32.84 19.42
N ALA B 121 13.76 -33.78 20.35
CA ALA B 121 14.02 -35.19 20.08
C ALA B 121 12.92 -35.72 19.17
N LEU B 122 13.27 -36.62 18.26
CA LEU B 122 12.28 -37.20 17.35
C LEU B 122 11.18 -37.93 18.11
N SER B 123 11.50 -38.33 19.33
CA SER B 123 10.57 -39.04 20.22
C SER B 123 9.35 -38.22 20.60
N ARG B 124 9.47 -36.89 20.54
CA ARG B 124 8.37 -35.98 20.90
C ARG B 124 7.11 -36.16 20.04
N LEU B 125 7.26 -36.77 18.86
CA LEU B 125 6.10 -36.96 18.00
C LEU B 125 5.02 -37.87 18.57
N HIS B 126 5.40 -38.74 19.50
CA HIS B 126 4.46 -39.68 20.10
C HIS B 126 3.33 -38.95 20.81
N ASP B 127 3.66 -37.79 21.38
CA ASP B 127 2.68 -36.99 22.11
C ASP B 127 2.00 -35.91 21.27
N GLU B 128 2.42 -35.75 20.03
CA GLU B 128 1.84 -34.72 19.16
C GLU B 128 0.56 -35.13 18.46
N LYS B 129 -0.45 -34.29 18.54
CA LYS B 129 -1.68 -34.55 17.82
C LYS B 129 -1.43 -33.78 16.54
N LEU B 130 -1.35 -34.48 15.41
CA LEU B 130 -1.03 -33.88 14.13
C LEU B 130 -2.16 -33.58 13.14
N VAL B 131 -1.86 -32.65 12.24
CA VAL B 131 -2.75 -32.29 11.15
C VAL B 131 -1.85 -32.58 9.96
N LEU B 132 -2.21 -33.56 9.16
CA LEU B 132 -1.40 -33.93 8.03
C LEU B 132 -2.10 -33.92 6.66
N LEU B 133 -1.26 -33.94 5.63
CA LEU B 133 -1.70 -34.00 4.26
C LEU B 133 -2.25 -35.42 4.09
N SER B 134 -3.20 -35.61 3.17
CA SER B 134 -3.76 -36.94 2.94
C SER B 134 -2.81 -37.80 2.11
N ALA B 135 -3.00 -39.12 2.18
CA ALA B 135 -2.17 -40.09 1.47
C ALA B 135 -1.86 -39.67 0.02
N GLU B 136 -2.80 -38.97 -0.59
CA GLU B 136 -2.66 -38.49 -1.95
C GLU B 136 -1.24 -37.94 -2.12
N PHE B 137 -0.80 -37.15 -1.15
CA PHE B 137 0.50 -36.52 -1.19
C PHE B 137 1.70 -37.37 -0.86
N ALA B 138 2.75 -37.20 -1.67
CA ALA B 138 4.01 -37.90 -1.52
C ALA B 138 4.61 -37.63 -0.16
N THR B 139 4.51 -36.39 0.29
CA THR B 139 5.05 -36.01 1.58
C THR B 139 4.43 -36.88 2.68
N ARG B 140 3.11 -36.98 2.69
CA ARG B 140 2.45 -37.80 3.70
C ARG B 140 2.99 -39.24 3.64
N GLU B 141 3.03 -39.78 2.43
CA GLU B 141 3.55 -41.12 2.20
C GLU B 141 4.91 -41.31 2.89
N GLN B 142 5.83 -40.38 2.65
CA GLN B 142 7.15 -40.41 3.22
C GLN B 142 7.06 -40.36 4.73
N ILE B 143 6.17 -39.49 5.21
CA ILE B 143 5.96 -39.33 6.65
C ILE B 143 5.65 -40.71 7.25
N ASP B 144 4.58 -41.31 6.75
CA ASP B 144 4.14 -42.61 7.25
C ASP B 144 5.24 -43.68 7.20
N HIS B 145 6.03 -43.64 6.13
CA HIS B 145 7.10 -44.62 5.98
C HIS B 145 8.18 -44.48 7.02
N TYR B 146 8.80 -43.30 7.10
CA TYR B 146 9.88 -43.09 8.06
C TYR B 146 9.41 -43.03 9.52
N CYS B 147 8.13 -42.74 9.75
CA CYS B 147 7.65 -42.71 11.10
C CYS B 147 7.65 -44.14 11.59
N GLU B 148 6.99 -45.00 10.82
CA GLU B 148 6.89 -46.43 11.14
C GLU B 148 8.32 -46.95 11.29
N LYS B 149 9.18 -46.55 10.35
CA LYS B 149 10.58 -46.97 10.35
C LYS B 149 11.32 -46.61 11.63
N ALA B 150 10.89 -45.54 12.27
CA ALA B 150 11.55 -45.09 13.48
C ALA B 150 10.76 -45.54 14.70
N GLY B 151 9.63 -46.19 14.46
CA GLY B 151 8.82 -46.66 15.56
C GLY B 151 7.85 -45.62 16.09
N LEU B 152 7.68 -44.54 15.33
CA LEU B 152 6.77 -43.46 15.73
C LEU B 152 5.39 -43.61 15.11
N HIS B 153 4.35 -43.51 15.95
CA HIS B 153 2.98 -43.64 15.49
C HIS B 153 2.11 -42.52 16.06
N PRO B 154 2.50 -41.27 15.80
CA PRO B 154 1.69 -40.18 16.33
C PRO B 154 0.27 -40.23 15.81
N GLN B 155 -0.62 -39.57 16.55
CA GLN B 155 -2.03 -39.51 16.24
C GLN B 155 -2.34 -38.38 15.25
N VAL B 156 -3.04 -38.73 14.18
CA VAL B 156 -3.43 -37.76 13.18
C VAL B 156 -4.90 -37.42 13.48
N VAL B 157 -5.13 -36.29 14.16
CA VAL B 157 -6.49 -35.90 14.49
C VAL B 157 -7.22 -35.18 13.36
N ILE B 158 -6.47 -34.62 12.41
CA ILE B 158 -7.02 -33.90 11.24
C ILE B 158 -6.18 -34.17 9.97
N GLU B 159 -6.88 -34.44 8.87
CA GLU B 159 -6.27 -34.65 7.55
C GLU B 159 -6.88 -33.68 6.53
N ALA B 160 -6.04 -33.13 5.65
CA ALA B 160 -6.55 -32.21 4.63
C ALA B 160 -5.76 -32.42 3.33
N ASN B 161 -6.34 -32.07 2.20
CA ASN B 161 -5.66 -32.25 0.92
C ASN B 161 -5.06 -30.94 0.38
N SER B 162 -4.67 -30.06 1.29
CA SER B 162 -4.07 -28.78 0.92
C SER B 162 -3.13 -28.24 2.01
N ILE B 163 -1.90 -27.93 1.64
CA ILE B 163 -0.93 -27.38 2.59
C ILE B 163 -1.45 -26.12 3.29
N SER B 164 -2.08 -25.22 2.53
CA SER B 164 -2.56 -24.00 3.13
C SER B 164 -3.55 -24.28 4.24
N ALA B 165 -4.41 -25.27 4.04
CA ALA B 165 -5.42 -25.62 5.04
C ALA B 165 -4.73 -26.12 6.30
N VAL B 166 -3.69 -26.94 6.11
CA VAL B 166 -2.94 -27.49 7.23
C VAL B 166 -2.38 -26.34 8.03
N LEU B 167 -1.73 -25.41 7.32
CA LEU B 167 -1.12 -24.24 7.95
C LEU B 167 -2.15 -23.40 8.69
N GLU B 168 -3.28 -23.18 8.04
CA GLU B 168 -4.37 -22.39 8.59
C GLU B 168 -4.83 -22.98 9.91
N LEU B 169 -5.00 -24.30 9.93
CA LEU B 169 -5.45 -25.01 11.13
C LEU B 169 -4.41 -24.98 12.26
N ILE B 170 -3.15 -25.03 11.88
CA ILE B 170 -2.08 -25.02 12.85
C ILE B 170 -2.00 -23.66 13.56
N ARG B 171 -2.21 -22.60 12.81
CA ARG B 171 -2.14 -21.26 13.36
C ARG B 171 -3.20 -21.00 14.43
N ARG B 172 -4.38 -21.56 14.20
CA ARG B 172 -5.49 -21.35 15.11
C ARG B 172 -5.64 -22.39 16.20
N THR B 173 -4.79 -23.39 16.20
CA THR B 173 -4.87 -24.42 17.23
C THR B 173 -3.52 -24.62 17.90
N SER B 174 -3.40 -25.69 18.68
CA SER B 174 -2.15 -25.99 19.38
C SER B 174 -1.65 -27.33 18.87
N LEU B 175 -2.10 -27.66 17.67
CA LEU B 175 -1.71 -28.90 17.04
C LEU B 175 -0.42 -28.64 16.28
N SER B 176 0.12 -29.69 15.67
CA SER B 176 1.34 -29.57 14.89
C SER B 176 1.22 -30.37 13.60
N THR B 177 2.21 -30.20 12.73
CA THR B 177 2.22 -30.90 11.47
C THR B 177 3.66 -31.15 11.06
N LEU B 178 3.85 -31.97 10.04
CA LEU B 178 5.20 -32.25 9.58
C LEU B 178 5.35 -31.72 8.17
N LEU B 179 6.19 -30.70 8.02
CA LEU B 179 6.41 -30.09 6.72
C LEU B 179 7.83 -29.61 6.63
N PRO B 180 8.29 -29.31 5.41
CA PRO B 180 9.65 -28.84 5.27
C PRO B 180 9.75 -27.58 6.14
N ALA B 181 10.88 -27.41 6.81
CA ALA B 181 11.08 -26.26 7.66
C ALA B 181 10.89 -24.93 6.95
N ALA B 182 11.36 -24.85 5.71
CA ALA B 182 11.27 -23.61 4.93
C ALA B 182 9.89 -22.99 4.93
N ILE B 183 8.84 -23.80 4.81
CA ILE B 183 7.49 -23.27 4.78
C ILE B 183 7.20 -22.35 5.96
N ALA B 184 7.82 -22.62 7.10
CA ALA B 184 7.60 -21.82 8.29
C ALA B 184 8.23 -20.44 8.24
N THR B 185 9.28 -20.28 7.46
CA THR B 185 9.94 -18.98 7.38
C THR B 185 9.10 -18.03 6.53
N GLN B 186 8.05 -18.56 5.91
CA GLN B 186 7.17 -17.77 5.07
C GLN B 186 6.00 -17.19 5.87
N HIS B 187 5.83 -17.65 7.09
CA HIS B 187 4.73 -17.18 7.93
C HIS B 187 5.23 -16.83 9.33
N ASP B 188 4.82 -15.66 9.80
CA ASP B 188 5.24 -15.19 11.10
C ASP B 188 4.74 -16.03 12.27
N GLY B 189 3.43 -16.25 12.33
CA GLY B 189 2.85 -17.01 13.41
C GLY B 189 3.29 -18.45 13.49
N LEU B 190 4.01 -18.92 12.46
CA LEU B 190 4.48 -20.30 12.40
C LEU B 190 5.97 -20.43 12.67
N LYS B 191 6.31 -21.55 13.32
CA LYS B 191 7.68 -21.88 13.70
C LYS B 191 8.01 -23.35 13.37
N ALA B 192 9.16 -23.56 12.75
CA ALA B 192 9.59 -24.89 12.40
C ALA B 192 10.57 -25.39 13.47
N ILE B 193 10.23 -26.53 14.09
CA ILE B 193 11.08 -27.13 15.12
C ILE B 193 11.86 -28.32 14.57
N SER B 194 13.18 -28.26 14.66
CA SER B 194 14.04 -29.33 14.16
C SER B 194 13.90 -30.63 14.95
N LEU B 195 13.88 -31.73 14.21
CA LEU B 195 13.79 -33.06 14.78
C LEU B 195 15.16 -33.73 14.88
N ALA B 196 15.48 -34.24 16.07
CA ALA B 196 16.76 -34.91 16.31
C ALA B 196 16.56 -36.33 16.82
N PRO B 197 16.94 -37.33 16.00
CA PRO B 197 17.53 -37.21 14.66
C PRO B 197 16.48 -36.82 13.63
N PRO B 198 16.92 -36.50 12.41
CA PRO B 198 15.97 -36.11 11.36
C PRO B 198 15.04 -37.25 10.95
N LEU B 199 13.80 -36.92 10.67
CA LEU B 199 12.84 -37.93 10.26
C LEU B 199 13.02 -38.22 8.77
N LEU B 200 13.04 -37.15 7.98
CA LEU B 200 13.18 -37.27 6.53
C LEU B 200 13.87 -36.06 5.91
N GLU B 201 14.77 -36.35 4.97
CA GLU B 201 15.50 -35.31 4.25
C GLU B 201 15.46 -35.70 2.79
N ARG B 202 14.89 -34.84 1.95
CA ARG B 202 14.77 -35.09 0.51
C ARG B 202 15.60 -34.10 -0.29
N THR B 203 16.06 -34.52 -1.47
CA THR B 203 16.85 -33.64 -2.33
C THR B 203 15.98 -33.05 -3.44
N ALA B 204 15.69 -31.75 -3.34
CA ALA B 204 14.88 -31.07 -4.34
C ALA B 204 15.69 -31.03 -5.61
N VAL B 205 15.02 -31.18 -6.73
CA VAL B 205 15.70 -31.19 -8.01
C VAL B 205 14.91 -30.49 -9.12
N LEU B 206 15.64 -29.94 -10.09
CA LEU B 206 15.05 -29.27 -11.25
C LEU B 206 14.99 -30.30 -12.36
N LEU B 207 13.84 -30.42 -13.02
CA LEU B 207 13.72 -31.40 -14.08
C LEU B 207 13.59 -30.77 -15.45
N ARG B 208 14.25 -31.39 -16.42
CA ARG B 208 14.20 -30.95 -17.81
C ARG B 208 14.51 -32.16 -18.66
N ARG B 209 13.95 -32.21 -19.85
CA ARG B 209 14.16 -33.32 -20.75
C ARG B 209 15.54 -33.18 -21.37
N LYS B 210 16.34 -34.24 -21.30
CA LYS B 210 17.68 -34.22 -21.89
C LYS B 210 17.51 -34.14 -23.41
N ASN B 211 18.61 -33.90 -24.11
CA ASN B 211 18.59 -33.85 -25.56
C ASN B 211 17.37 -33.11 -26.08
N SER B 212 17.08 -31.99 -25.42
CA SER B 212 15.96 -31.13 -25.78
C SER B 212 16.47 -29.71 -25.57
N TRP B 213 16.48 -28.91 -26.62
CA TRP B 213 16.98 -27.54 -26.47
C TRP B 213 15.95 -26.60 -25.88
N GLN B 214 16.37 -25.93 -24.81
CA GLN B 214 15.53 -25.01 -24.07
C GLN B 214 15.48 -23.60 -24.64
N THR B 215 14.39 -22.92 -24.36
CA THR B 215 14.20 -21.54 -24.79
C THR B 215 15.05 -20.67 -23.89
N ALA B 216 15.27 -19.42 -24.27
CA ALA B 216 16.05 -18.51 -23.46
C ALA B 216 15.34 -18.36 -22.11
N ALA B 217 14.01 -18.40 -22.14
CA ALA B 217 13.21 -18.27 -20.94
C ALA B 217 13.52 -19.42 -19.98
N ALA B 218 13.47 -20.63 -20.51
CA ALA B 218 13.73 -21.83 -19.72
C ALA B 218 15.12 -21.78 -19.09
N LYS B 219 16.10 -21.31 -19.87
CA LYS B 219 17.48 -21.21 -19.41
C LYS B 219 17.64 -20.17 -18.30
N ALA B 220 17.06 -19.00 -18.50
CA ALA B 220 17.15 -17.94 -17.51
C ALA B 220 16.45 -18.39 -16.25
N PHE B 221 15.38 -19.17 -16.42
CA PHE B 221 14.63 -19.68 -15.29
C PHE B 221 15.49 -20.59 -14.43
N LEU B 222 16.09 -21.59 -15.08
CA LEU B 222 16.97 -22.53 -14.37
C LEU B 222 18.06 -21.76 -13.61
N HIS B 223 18.74 -20.85 -14.29
CA HIS B 223 19.78 -20.06 -13.66
C HIS B 223 19.27 -19.36 -12.42
N ALA B 225 16.67 -19.95 -10.59
CA ALA B 225 16.33 -20.93 -9.56
C ALA B 225 17.59 -21.31 -8.78
N LEU B 226 18.67 -21.57 -9.51
CA LEU B 226 19.93 -21.96 -8.88
C LEU B 226 20.57 -20.84 -8.10
N ASP B 227 20.47 -19.62 -8.60
CA ASP B 227 21.06 -18.49 -7.91
C ASP B 227 20.39 -18.26 -6.56
N LYS B 228 19.13 -18.65 -6.47
CA LYS B 228 18.35 -18.48 -5.26
C LYS B 228 18.68 -19.53 -4.20
N CYS B 229 19.15 -20.70 -4.62
CA CYS B 229 19.48 -21.75 -3.66
C CYS B 229 20.94 -21.67 -3.26
N ALA B 230 21.60 -20.62 -3.71
CA ALA B 230 22.99 -20.40 -3.37
C ALA B 230 22.90 -19.41 -2.21
N VAL B 231 23.81 -19.56 -1.25
CA VAL B 231 23.79 -18.67 -0.09
C VAL B 231 25.17 -18.04 0.13
N ARG C 29 -19.65 42.02 0.61
CA ARG C 29 -18.66 42.02 -0.50
C ARG C 29 -17.31 42.57 -0.04
N GLY C 30 -17.07 42.54 1.26
CA GLY C 30 -15.82 43.05 1.81
C GLY C 30 -14.73 41.99 1.93
N SER C 31 -14.02 42.01 3.04
CA SER C 31 -12.93 41.07 3.28
C SER C 31 -13.08 40.17 4.51
N LEU C 32 -12.10 39.29 4.70
CA LEU C 32 -12.06 38.38 5.82
C LEU C 32 -10.66 37.79 5.94
N ARG C 33 -9.94 38.18 6.97
CA ARG C 33 -8.55 37.75 7.22
C ARG C 33 -8.48 36.54 8.15
N ILE C 34 -7.87 35.47 7.65
CA ILE C 34 -7.74 34.21 8.37
C ILE C 34 -6.29 33.81 8.55
N ALA C 35 -5.99 33.24 9.71
CA ALA C 35 -4.65 32.76 10.00
C ALA C 35 -4.76 31.43 10.75
N VAL C 36 -3.90 30.48 10.39
CA VAL C 36 -3.93 29.18 11.03
C VAL C 36 -2.51 28.68 11.22
N THR C 37 -2.36 27.72 12.13
CA THR C 37 -1.06 27.11 12.42
C THR C 37 -0.83 26.14 11.23
N PRO C 38 0.45 25.89 10.86
CA PRO C 38 0.83 25.02 9.76
C PRO C 38 0.01 23.77 9.43
N THR C 39 -0.25 22.92 10.42
CA THR C 39 -1.01 21.69 10.14
C THR C 39 -2.44 21.85 9.57
N PHE C 40 -3.13 22.95 9.90
CA PHE C 40 -4.49 23.12 9.41
C PHE C 40 -4.53 23.40 7.94
N THR C 41 -3.43 23.93 7.42
CA THR C 41 -3.34 24.26 6.03
C THR C 41 -3.39 23.01 5.17
N SER C 42 -2.86 21.91 5.69
CA SER C 42 -2.81 20.65 4.95
C SER C 42 -4.05 19.74 4.98
N TYR C 43 -5.17 20.22 5.52
CA TYR C 43 -6.34 19.36 5.54
C TYR C 43 -7.62 20.04 5.95
N PHE C 44 -7.52 21.01 6.85
CA PHE C 44 -8.71 21.71 7.35
C PHE C 44 -9.19 22.92 6.57
N ILE C 45 -8.38 23.99 6.62
CA ILE C 45 -8.68 25.27 6.00
C ILE C 45 -9.04 25.30 4.51
N GLY C 46 -8.39 24.47 3.72
CA GLY C 46 -8.65 24.41 2.30
C GLY C 46 -10.12 24.16 1.98
N PRO C 47 -10.65 22.99 2.36
CA PRO C 47 -12.05 22.64 2.12
C PRO C 47 -13.04 23.66 2.69
N LEU C 48 -12.71 24.19 3.87
CA LEU C 48 -13.57 25.17 4.52
C LEU C 48 -13.61 26.52 3.81
N ALA C 50 -12.96 27.01 0.59
CA ALA C 50 -13.60 26.78 -0.70
C ALA C 50 -15.14 26.80 -0.54
N ASP C 51 -15.62 26.18 0.54
CA ASP C 51 -17.05 26.14 0.80
C ASP C 51 -17.53 27.56 1.08
N PHE C 52 -16.81 28.25 1.96
CA PHE C 52 -17.19 29.61 2.30
C PHE C 52 -17.22 30.48 1.04
N TYR C 53 -16.19 30.36 0.19
CA TYR C 53 -16.16 31.14 -1.04
C TYR C 53 -17.32 30.83 -1.97
N ALA C 54 -17.65 29.55 -2.15
CA ALA C 54 -18.76 29.20 -3.03
C ALA C 54 -20.08 29.74 -2.48
N ARG C 55 -20.16 29.83 -1.16
CA ARG C 55 -21.36 30.30 -0.49
C ARG C 55 -21.47 31.82 -0.53
N TYR C 56 -20.34 32.50 -0.32
CA TYR C 56 -20.32 33.95 -0.31
C TYR C 56 -19.24 34.55 -1.19
N PRO C 57 -19.31 34.28 -2.50
CA PRO C 57 -18.33 34.77 -3.48
C PRO C 57 -17.98 36.25 -3.44
N SER C 58 -18.83 37.07 -2.82
CA SER C 58 -18.55 38.50 -2.74
C SER C 58 -17.51 38.87 -1.70
N ILE C 59 -17.24 37.96 -0.76
CA ILE C 59 -16.25 38.24 0.27
C ILE C 59 -14.84 37.82 -0.16
N THR C 60 -13.92 38.77 -0.15
CA THR C 60 -12.55 38.48 -0.51
C THR C 60 -11.84 37.92 0.74
N LEU C 61 -11.11 36.83 0.52
CA LEU C 61 -10.42 36.12 1.59
C LEU C 61 -8.91 36.27 1.60
N GLN C 62 -8.38 36.31 2.82
CA GLN C 62 -6.96 36.43 3.10
C GLN C 62 -6.59 35.28 4.05
N LEU C 63 -5.74 34.36 3.57
CA LEU C 63 -5.30 33.21 4.36
C LEU C 63 -3.79 33.22 4.62
N GLN C 64 -3.38 33.07 5.88
CA GLN C 64 -1.97 33.05 6.20
C GLN C 64 -1.69 32.00 7.25
N GLU C 65 -0.67 31.19 7.03
CA GLU C 65 -0.34 30.19 8.00
C GLU C 65 0.86 30.74 8.75
N SER C 67 2.93 30.79 13.10
CA SER C 67 3.02 30.29 14.46
C SER C 67 1.87 30.85 15.29
N GLN C 68 1.46 30.09 16.32
CA GLN C 68 0.36 30.52 17.17
C GLN C 68 0.65 31.84 17.87
N GLU C 69 1.92 32.06 18.20
CA GLU C 69 2.31 33.28 18.88
C GLU C 69 1.95 34.46 18.00
N LYS C 70 2.20 34.33 16.71
CA LYS C 70 1.90 35.40 15.76
C LYS C 70 0.40 35.54 15.57
N ILE C 71 -0.34 34.44 15.42
CA ILE C 71 -1.78 34.53 15.27
C ILE C 71 -2.34 35.29 16.48
N GLU C 72 -2.06 34.80 17.68
CA GLU C 72 -2.56 35.46 18.89
C GLU C 72 -2.28 36.97 18.88
N ASP C 73 -1.02 37.33 18.65
CA ASP C 73 -0.59 38.72 18.62
C ASP C 73 -1.42 39.52 17.63
N LEU C 75 -4.29 38.84 16.27
CA LEU C 75 -5.70 38.91 16.62
C LEU C 75 -5.89 40.05 17.62
N CYS C 76 -4.97 40.16 18.56
CA CYS C 76 -5.04 41.21 19.58
C CYS C 76 -4.99 42.60 18.96
N ARG C 77 -4.23 42.74 17.89
CA ARG C 77 -4.08 44.02 17.24
C ARG C 77 -5.09 44.24 16.12
N ASP C 78 -6.14 43.43 16.10
CA ASP C 78 -7.17 43.53 15.06
C ASP C 78 -6.60 43.43 13.66
N GLU C 79 -5.52 42.67 13.49
CA GLU C 79 -4.89 42.49 12.18
C GLU C 79 -5.43 41.22 11.48
N LEU C 80 -6.19 40.44 12.25
CA LEU C 80 -6.78 39.21 11.76
C LEU C 80 -8.21 39.14 12.27
N ASP C 81 -9.09 38.49 11.50
CA ASP C 81 -10.47 38.37 11.91
C ASP C 81 -10.66 37.06 12.64
N VAL C 82 -10.02 36.01 12.15
CA VAL C 82 -10.15 34.70 12.79
C VAL C 82 -8.85 33.94 12.78
N GLY C 83 -8.66 33.10 13.80
CA GLY C 83 -7.47 32.31 13.91
C GLY C 83 -7.83 30.88 14.26
N ILE C 84 -6.91 29.97 13.99
CA ILE C 84 -7.08 28.55 14.28
C ILE C 84 -5.75 28.01 14.76
N ALA C 85 -5.74 27.55 16.00
CA ALA C 85 -4.54 27.03 16.62
C ALA C 85 -4.96 26.03 17.67
N PHE C 86 -4.12 25.86 18.69
CA PHE C 86 -4.42 24.89 19.74
C PHE C 86 -4.53 25.46 21.13
N ALA C 87 -5.10 24.65 22.02
CA ALA C 87 -5.23 25.01 23.42
C ALA C 87 -3.91 24.54 24.03
N PRO C 88 -3.39 25.26 25.02
CA PRO C 88 -3.96 26.47 25.62
C PRO C 88 -3.63 27.79 24.92
N VAL C 89 -4.58 28.72 24.99
CA VAL C 89 -4.41 30.06 24.42
C VAL C 89 -3.69 30.88 25.50
N HIS C 90 -2.67 31.66 25.12
CA HIS C 90 -1.91 32.45 26.07
C HIS C 90 -2.51 33.82 26.33
N SER C 91 -2.97 34.48 25.26
CA SER C 91 -3.56 35.81 25.36
C SER C 91 -4.94 35.78 26.01
N PRO C 92 -5.14 36.57 27.08
CA PRO C 92 -6.41 36.61 27.79
C PRO C 92 -7.51 37.43 27.09
N GLU C 93 -7.12 38.20 26.08
CA GLU C 93 -8.08 39.02 25.34
C GLU C 93 -8.70 38.22 24.19
N LEU C 94 -8.22 36.99 24.01
CA LEU C 94 -8.73 36.14 22.96
C LEU C 94 -9.67 35.08 23.51
N GLU C 95 -10.68 34.72 22.70
CA GLU C 95 -11.62 33.68 23.10
C GLU C 95 -11.22 32.42 22.32
N ALA C 96 -11.49 31.25 22.90
CA ALA C 96 -11.14 29.98 22.26
C ALA C 96 -12.30 28.99 22.22
N ILE C 97 -12.75 28.67 21.03
CA ILE C 97 -13.86 27.72 20.86
C ILE C 97 -13.31 26.40 20.35
N PRO C 98 -13.39 25.33 21.17
CA PRO C 98 -12.90 24.00 20.78
C PRO C 98 -13.43 23.60 19.42
N LEU C 99 -12.52 23.22 18.54
CA LEU C 99 -12.86 22.85 17.18
C LEU C 99 -12.85 21.33 16.96
N LEU C 100 -11.73 20.69 17.27
CA LEU C 100 -11.60 19.24 17.12
C LEU C 100 -10.38 18.73 17.85
N THR C 101 -10.18 17.42 17.82
CA THR C 101 -9.05 16.79 18.48
C THR C 101 -8.16 16.13 17.44
N GLU C 102 -6.97 16.69 17.28
CA GLU C 102 -5.98 16.21 16.32
C GLU C 102 -4.89 15.40 17.03
N SER C 103 -4.75 14.13 16.62
CA SER C 103 -3.73 13.25 17.20
C SER C 103 -2.69 12.83 16.16
N LEU C 104 -1.42 12.87 16.55
CA LEU C 104 -0.33 12.49 15.67
C LEU C 104 -0.37 11.01 15.34
N ALA C 105 -0.04 10.69 14.10
CA ALA C 105 -0.01 9.32 13.63
C ALA C 105 1.27 9.14 12.81
N LEU C 106 1.58 7.89 12.49
CA LEU C 106 2.76 7.60 11.68
C LEU C 106 2.22 7.58 10.26
N VAL C 107 2.61 8.58 9.48
CA VAL C 107 2.12 8.67 8.12
C VAL C 107 3.14 8.10 7.14
N VAL C 108 2.65 7.17 6.32
CA VAL C 108 3.49 6.47 5.36
C VAL C 108 2.80 6.28 4.03
N ALA C 109 3.57 5.82 3.04
CA ALA C 109 3.04 5.53 1.72
C ALA C 109 2.44 4.13 1.80
N GLN C 110 1.61 3.79 0.82
CA GLN C 110 0.98 2.49 0.81
C GLN C 110 2.00 1.36 0.66
N HIS C 111 3.17 1.66 0.09
CA HIS C 111 4.21 0.66 -0.08
C HIS C 111 5.11 0.55 1.13
N HIS C 112 4.74 1.23 2.21
CA HIS C 112 5.54 1.19 3.42
C HIS C 112 5.17 -0.12 4.13
N PRO C 113 6.16 -0.87 4.62
CA PRO C 113 5.94 -2.14 5.32
C PRO C 113 4.93 -2.15 6.44
N LEU C 114 4.72 -1.00 7.09
CA LEU C 114 3.77 -0.95 8.19
C LEU C 114 2.38 -0.51 7.76
N ALA C 115 2.28 -0.02 6.52
CA ALA C 115 1.02 0.47 5.96
C ALA C 115 -0.12 -0.53 6.07
N VAL C 116 0.23 -1.81 6.11
CA VAL C 116 -0.76 -2.87 6.19
C VAL C 116 -1.56 -2.81 7.48
N HIS C 117 -1.02 -2.16 8.50
CA HIS C 117 -1.70 -2.05 9.78
C HIS C 117 -2.43 -0.72 9.91
N GLU C 118 -3.40 -0.67 10.82
CA GLU C 118 -4.14 0.55 11.06
C GLU C 118 -3.60 1.19 12.34
N GLN C 119 -3.07 0.35 13.23
CA GLN C 119 -2.51 0.81 14.47
C GLN C 119 -1.30 -0.03 14.82
N VAL C 120 -0.26 0.60 15.37
CA VAL C 120 0.94 -0.13 15.76
C VAL C 120 1.40 0.41 17.08
N ALA C 121 2.25 -0.37 17.74
CA ALA C 121 2.77 -0.01 19.03
C ALA C 121 3.66 1.21 18.91
N LEU C 122 3.57 2.11 19.89
CA LEU C 122 4.37 3.32 19.88
C LEU C 122 5.86 2.98 19.81
N SER C 123 6.20 1.80 20.30
CA SER C 123 7.59 1.35 20.31
C SER C 123 8.19 1.15 18.92
N ARG C 124 7.32 1.06 17.91
CA ARG C 124 7.79 0.86 16.55
C ARG C 124 8.60 2.03 16.00
N LEU C 125 8.48 3.17 16.67
CA LEU C 125 9.21 4.36 16.25
C LEU C 125 10.72 4.23 16.31
N HIS C 126 11.21 3.41 17.24
CA HIS C 126 12.64 3.25 17.34
C HIS C 126 13.28 2.79 16.04
N ASP C 127 12.59 1.98 15.25
CA ASP C 127 13.18 1.49 14.02
C ASP C 127 12.82 2.29 12.79
N GLU C 128 12.01 3.32 12.97
CA GLU C 128 11.60 4.16 11.85
C GLU C 128 12.59 5.28 11.53
N LYS C 129 12.87 5.43 10.24
CA LYS C 129 13.71 6.51 9.77
C LYS C 129 12.71 7.56 9.29
N LEU C 130 12.73 8.69 9.97
CA LEU C 130 11.80 9.78 9.72
C LEU C 130 12.24 10.98 8.91
N VAL C 131 11.22 11.66 8.39
CA VAL C 131 11.38 12.89 7.66
C VAL C 131 10.45 13.78 8.47
N LEU C 132 11.04 14.74 9.19
CA LEU C 132 10.24 15.62 10.02
C LEU C 132 10.37 17.11 9.74
N LEU C 133 9.39 17.84 10.26
CA LEU C 133 9.35 19.28 10.18
C LEU C 133 10.50 19.72 11.06
N SER C 134 11.08 20.88 10.73
CA SER C 134 12.19 21.43 11.50
C SER C 134 11.65 22.07 12.79
N ALA C 135 12.57 22.33 13.72
CA ALA C 135 12.27 22.92 15.01
C ALA C 135 11.37 24.14 14.94
N GLU C 136 11.49 24.88 13.85
CA GLU C 136 10.68 26.06 13.63
C GLU C 136 9.22 25.76 13.97
N PHE C 137 8.78 24.55 13.62
CA PHE C 137 7.40 24.14 13.84
C PHE C 137 7.02 23.65 15.24
N ALA C 138 5.83 24.04 15.66
CA ALA C 138 5.31 23.67 16.96
C ALA C 138 5.11 22.16 17.01
N THR C 139 4.57 21.61 15.94
CA THR C 139 4.38 20.16 15.90
C THR C 139 5.71 19.45 16.18
N ARG C 140 6.78 19.85 15.51
CA ARG C 140 8.10 19.24 15.71
C ARG C 140 8.50 19.29 17.16
N GLU C 141 8.36 20.48 17.75
CA GLU C 141 8.69 20.71 19.15
C GLU C 141 7.95 19.69 20.01
N GLN C 142 6.66 19.55 19.77
CA GLN C 142 5.83 18.62 20.52
C GLN C 142 6.36 17.20 20.38
N ILE C 143 6.61 16.78 19.14
CA ILE C 143 7.11 15.44 18.88
C ILE C 143 8.35 15.17 19.71
N ASP C 144 9.35 16.03 19.57
CA ASP C 144 10.60 15.88 20.31
C ASP C 144 10.35 15.76 21.81
N HIS C 145 9.37 16.51 22.31
CA HIS C 145 9.05 16.51 23.73
C HIS C 145 8.46 15.19 24.20
N TYR C 146 7.36 14.78 23.58
CA TYR C 146 6.71 13.55 24.00
C TYR C 146 7.50 12.29 23.65
N CYS C 147 8.32 12.37 22.61
CA CYS C 147 9.15 11.23 22.24
C CYS C 147 10.10 10.96 23.40
N GLU C 148 10.86 12.00 23.76
CA GLU C 148 11.79 11.90 24.87
C GLU C 148 11.03 11.42 26.10
N LYS C 149 9.87 12.02 26.33
CA LYS C 149 9.04 11.67 27.48
C LYS C 149 8.64 10.19 27.43
N ALA C 150 8.51 9.65 26.22
CA ALA C 150 8.14 8.25 26.06
C ALA C 150 9.36 7.35 25.90
N GLY C 151 10.54 7.96 25.94
CA GLY C 151 11.78 7.21 25.80
C GLY C 151 12.09 6.85 24.35
N LEU C 152 11.43 7.53 23.42
CA LEU C 152 11.64 7.27 22.01
C LEU C 152 12.61 8.27 21.39
N HIS C 153 13.61 7.74 20.69
CA HIS C 153 14.61 8.57 20.04
C HIS C 153 14.78 8.12 18.60
N PRO C 154 13.72 8.22 17.80
CA PRO C 154 13.81 7.79 16.40
C PRO C 154 14.88 8.61 15.68
N GLN C 155 15.36 8.07 14.56
CA GLN C 155 16.38 8.74 13.78
C GLN C 155 15.72 9.61 12.70
N VAL C 156 16.11 10.88 12.66
CA VAL C 156 15.58 11.81 11.67
C VAL C 156 16.62 11.93 10.54
N VAL C 157 16.34 11.25 9.43
CA VAL C 157 17.25 11.25 8.29
C VAL C 157 17.03 12.46 7.38
N ILE C 158 15.83 13.02 7.40
CA ILE C 158 15.51 14.18 6.57
C ILE C 158 14.57 15.16 7.27
N GLU C 159 14.92 16.45 7.23
CA GLU C 159 14.12 17.52 7.82
C GLU C 159 13.75 18.56 6.75
N ALA C 160 12.57 19.12 6.84
CA ALA C 160 12.13 20.15 5.90
C ALA C 160 11.27 21.17 6.63
N ASN C 161 11.14 22.37 6.08
CA ASN C 161 10.34 23.40 6.72
C ASN C 161 8.99 23.62 6.05
N SER C 162 8.50 22.54 5.42
CA SER C 162 7.22 22.55 4.72
C SER C 162 6.57 21.17 4.80
N ILE C 163 5.28 21.14 5.19
CA ILE C 163 4.57 19.87 5.29
C ILE C 163 4.47 19.17 3.94
N SER C 164 4.19 19.93 2.89
CA SER C 164 4.06 19.35 1.55
C SER C 164 5.33 18.64 1.13
N ALA C 165 6.48 19.22 1.48
CA ALA C 165 7.77 18.61 1.16
C ALA C 165 7.88 17.28 1.91
N VAL C 166 7.49 17.29 3.17
CA VAL C 166 7.54 16.06 3.95
C VAL C 166 6.72 14.99 3.25
N LEU C 167 5.45 15.31 2.97
CA LEU C 167 4.55 14.38 2.32
C LEU C 167 5.09 13.94 0.97
N GLU C 168 5.60 14.88 0.19
CA GLU C 168 6.15 14.55 -1.12
C GLU C 168 7.26 13.49 -0.94
N LEU C 169 8.13 13.73 0.04
CA LEU C 169 9.24 12.82 0.33
C LEU C 169 8.77 11.43 0.76
N ILE C 170 7.71 11.40 1.57
CA ILE C 170 7.17 10.13 2.06
C ILE C 170 6.53 9.29 0.94
N ARG C 171 5.87 9.96 0.00
CA ARG C 171 5.23 9.26 -1.10
C ARG C 171 6.24 8.52 -1.97
N ARG C 172 7.43 9.11 -2.12
CA ARG C 172 8.44 8.52 -2.98
C ARG C 172 9.51 7.69 -2.27
N THR C 173 9.35 7.48 -0.97
CA THR C 173 10.33 6.71 -0.22
C THR C 173 9.61 5.74 0.70
N SER C 174 10.39 5.02 1.50
CA SER C 174 9.81 4.08 2.44
C SER C 174 10.05 4.60 3.84
N LEU C 175 10.18 5.93 3.93
CA LEU C 175 10.39 6.62 5.17
C LEU C 175 9.01 6.99 5.73
N SER C 176 8.96 7.42 7.00
CA SER C 176 7.68 7.81 7.58
C SER C 176 7.82 9.18 8.21
N THR C 177 6.74 9.66 8.82
CA THR C 177 6.74 10.97 9.45
C THR C 177 5.66 11.01 10.51
N LEU C 178 5.72 12.02 11.36
CA LEU C 178 4.71 12.16 12.40
C LEU C 178 3.90 13.39 12.12
N LEU C 179 2.61 13.21 11.85
CA LEU C 179 1.74 14.33 11.57
C LEU C 179 0.35 13.91 11.99
N PRO C 180 -0.59 14.87 12.03
CA PRO C 180 -1.97 14.55 12.41
C PRO C 180 -2.52 13.62 11.36
N ALA C 181 -3.20 12.56 11.79
CA ALA C 181 -3.75 11.58 10.86
C ALA C 181 -4.60 12.16 9.72
N ALA C 182 -5.39 13.19 10.00
CA ALA C 182 -6.26 13.78 8.98
C ALA C 182 -5.54 14.10 7.68
N ILE C 183 -4.31 14.60 7.78
CA ILE C 183 -3.50 14.95 6.60
C ILE C 183 -3.50 13.81 5.58
N ALA C 184 -3.47 12.58 6.09
CA ALA C 184 -3.42 11.37 5.26
C ALA C 184 -4.69 11.10 4.46
N THR C 185 -5.84 11.46 5.04
CA THR C 185 -7.13 11.26 4.40
C THR C 185 -7.27 12.19 3.19
N GLN C 186 -6.32 13.11 3.03
CA GLN C 186 -6.34 14.05 1.92
C GLN C 186 -5.50 13.54 0.74
N HIS C 187 -4.69 12.52 0.99
CA HIS C 187 -3.84 11.96 -0.04
C HIS C 187 -4.06 10.46 -0.19
N ASP C 188 -4.24 10.03 -1.43
CA ASP C 188 -4.47 8.64 -1.71
C ASP C 188 -3.26 7.79 -1.37
N GLY C 189 -2.10 8.13 -1.91
CA GLY C 189 -0.89 7.36 -1.65
C GLY C 189 -0.42 7.33 -0.21
N LEU C 190 -1.04 8.11 0.64
CA LEU C 190 -0.66 8.17 2.04
C LEU C 190 -1.66 7.49 2.94
N LYS C 191 -1.15 7.01 4.07
CA LYS C 191 -1.95 6.33 5.08
C LYS C 191 -1.46 6.69 6.47
N ALA C 192 -2.39 6.84 7.38
CA ALA C 192 -2.08 7.20 8.75
C ALA C 192 -2.17 5.97 9.66
N ILE C 193 -1.07 5.63 10.32
CA ILE C 193 -1.05 4.48 11.22
C ILE C 193 -1.17 4.98 12.67
N SER C 194 -2.21 4.53 13.36
CA SER C 194 -2.44 4.94 14.74
C SER C 194 -1.38 4.39 15.68
N LEU C 195 -0.97 5.20 16.65
CA LEU C 195 0.04 4.78 17.59
C LEU C 195 -0.57 4.38 18.93
N ALA C 196 -0.15 3.24 19.45
CA ALA C 196 -0.67 2.72 20.72
C ALA C 196 0.44 2.48 21.75
N PRO C 197 0.47 3.27 22.83
CA PRO C 197 -0.46 4.36 23.15
C PRO C 197 -0.18 5.59 22.29
N PRO C 198 -1.08 6.57 22.31
CA PRO C 198 -0.89 7.78 21.52
C PRO C 198 0.34 8.59 21.97
N LEU C 199 0.98 9.25 21.02
CA LEU C 199 2.15 10.06 21.30
C LEU C 199 1.73 11.45 21.72
N LEU C 200 0.91 12.09 20.89
CA LEU C 200 0.43 13.43 21.16
C LEU C 200 -1.00 13.67 20.68
N GLU C 201 -1.77 14.37 21.48
CA GLU C 201 -3.15 14.70 21.15
C GLU C 201 -3.37 16.16 21.52
N ARG C 202 -3.67 17.00 20.53
CA ARG C 202 -3.88 18.42 20.79
C ARG C 202 -5.34 18.79 20.52
N THR C 203 -5.79 19.90 21.10
CA THR C 203 -7.15 20.38 20.88
C THR C 203 -7.15 21.59 19.94
N ALA C 204 -7.70 21.40 18.74
CA ALA C 204 -7.78 22.49 17.77
C ALA C 204 -8.77 23.50 18.30
N VAL C 205 -8.49 24.78 18.07
CA VAL C 205 -9.39 25.80 18.55
C VAL C 205 -9.53 27.00 17.59
N LEU C 206 -10.70 27.62 17.63
CA LEU C 206 -11.00 28.81 16.83
C LEU C 206 -10.69 30.03 17.70
N LEU C 207 -9.87 30.94 17.19
CA LEU C 207 -9.52 32.10 17.97
C LEU C 207 -10.08 33.42 17.43
N ARG C 208 -10.58 34.23 18.36
CA ARG C 208 -11.14 35.54 18.04
C ARG C 208 -10.98 36.40 19.28
N ARG C 209 -10.87 37.71 19.11
CA ARG C 209 -10.71 38.59 20.25
C ARG C 209 -12.06 38.85 20.90
N LYS C 210 -12.14 38.65 22.20
CA LYS C 210 -13.38 38.87 22.93
C LYS C 210 -13.71 40.36 22.94
N ASN C 211 -14.92 40.69 23.39
CA ASN C 211 -15.34 42.07 23.45
C ASN C 211 -15.00 42.80 22.16
N SER C 212 -15.16 42.08 21.06
CA SER C 212 -14.91 42.61 19.72
C SER C 212 -16.02 42.07 18.83
N TRP C 213 -16.77 42.98 18.21
CA TRP C 213 -17.88 42.57 17.36
C TRP C 213 -17.46 42.16 15.96
N GLN C 214 -17.83 40.94 15.60
CA GLN C 214 -17.48 40.33 14.33
C GLN C 214 -18.41 40.72 13.19
N THR C 215 -17.87 40.71 11.97
CA THR C 215 -18.63 41.03 10.78
C THR C 215 -19.50 39.82 10.48
N ALA C 216 -20.44 39.97 9.55
CA ALA C 216 -21.33 38.88 9.19
C ALA C 216 -20.54 37.76 8.55
N ALA C 217 -19.47 38.12 7.86
CA ALA C 217 -18.60 37.15 7.22
C ALA C 217 -17.89 36.32 8.28
N ALA C 218 -17.34 37.02 9.27
CA ALA C 218 -16.64 36.36 10.36
C ALA C 218 -17.57 35.39 11.10
N LYS C 219 -18.77 35.84 11.38
CA LYS C 219 -19.75 35.01 12.06
C LYS C 219 -20.08 33.76 11.26
N ALA C 220 -20.47 33.95 10.00
CA ALA C 220 -20.81 32.84 9.14
C ALA C 220 -19.66 31.88 9.02
N PHE C 221 -18.43 32.42 9.07
CA PHE C 221 -17.24 31.59 8.97
C PHE C 221 -17.18 30.66 10.17
N LEU C 222 -17.28 31.27 11.35
CA LEU C 222 -17.25 30.55 12.62
C LEU C 222 -18.28 29.42 12.60
N HIS C 223 -19.48 29.74 12.15
CA HIS C 223 -20.56 28.76 12.05
C HIS C 223 -20.12 27.59 11.18
N ALA C 225 -17.17 26.60 10.19
CA ALA C 225 -16.06 25.85 10.75
C ALA C 225 -16.59 24.82 11.76
N LEU C 226 -17.55 25.23 12.57
CA LEU C 226 -18.12 24.34 13.57
C LEU C 226 -19.02 23.26 12.94
N ASP C 227 -19.76 23.61 11.92
CA ASP C 227 -20.63 22.63 11.28
C ASP C 227 -19.81 21.50 10.67
N LYS C 228 -18.61 21.85 10.21
CA LYS C 228 -17.73 20.88 9.57
C LYS C 228 -17.10 19.88 10.54
N CYS C 229 -16.99 20.28 11.80
CA CYS C 229 -16.38 19.41 12.82
C CYS C 229 -17.40 18.65 13.66
N ALA C 230 -18.68 18.79 13.33
CA ALA C 230 -19.72 18.13 14.10
C ALA C 230 -19.64 18.67 15.53
N VAL C 231 -19.22 19.92 15.63
CA VAL C 231 -19.09 20.61 16.92
C VAL C 231 -20.19 21.65 17.11
N GLY D 30 -16.60 -40.02 15.79
CA GLY D 30 -15.62 -40.73 14.91
C GLY D 30 -14.84 -39.77 14.03
N SER D 31 -15.11 -39.80 12.72
CA SER D 31 -14.44 -38.93 11.76
C SER D 31 -15.40 -38.17 10.83
N LEU D 32 -15.55 -36.88 11.06
CA LEU D 32 -16.41 -36.01 10.26
C LEU D 32 -15.69 -35.65 8.96
N ARG D 33 -16.28 -36.01 7.83
CA ARG D 33 -15.69 -35.74 6.52
C ARG D 33 -16.30 -34.51 5.88
N ILE D 34 -15.46 -33.53 5.58
CA ILE D 34 -15.88 -32.26 4.97
C ILE D 34 -15.21 -32.00 3.64
N ALA D 35 -15.97 -31.43 2.72
CA ALA D 35 -15.45 -31.07 1.39
C ALA D 35 -15.97 -29.68 1.04
N VAL D 36 -15.14 -28.88 0.38
CA VAL D 36 -15.52 -27.53 -0.02
C VAL D 36 -14.86 -27.23 -1.33
N THR D 37 -15.43 -26.31 -2.10
CA THR D 37 -14.82 -25.90 -3.35
C THR D 37 -13.59 -25.05 -2.98
N PRO D 38 -12.59 -25.01 -3.88
CA PRO D 38 -11.34 -24.25 -3.67
C PRO D 38 -11.34 -22.93 -2.92
N THR D 39 -12.23 -21.99 -3.25
CA THR D 39 -12.16 -20.69 -2.55
C THR D 39 -12.42 -20.72 -1.06
N PHE D 40 -13.30 -21.59 -0.58
CA PHE D 40 -13.56 -21.60 0.88
C PHE D 40 -12.32 -22.01 1.69
N THR D 41 -11.41 -22.72 1.05
CA THR D 41 -10.18 -23.13 1.69
C THR D 41 -9.31 -21.94 2.09
N SER D 42 -9.40 -20.86 1.31
CA SER D 42 -8.61 -19.67 1.55
C SER D 42 -9.13 -18.64 2.55
N TYR D 43 -10.27 -18.91 3.19
CA TYR D 43 -10.77 -17.93 4.15
C TYR D 43 -11.85 -18.43 5.07
N PHE D 44 -12.67 -19.33 4.58
CA PHE D 44 -13.78 -19.85 5.37
C PHE D 44 -13.51 -21.09 6.24
N ILE D 45 -13.37 -22.25 5.60
CA ILE D 45 -13.20 -23.51 6.33
C ILE D 45 -12.11 -23.62 7.41
N GLY D 46 -11.00 -22.92 7.22
CA GLY D 46 -9.92 -22.98 8.20
C GLY D 46 -10.32 -22.50 9.58
N PRO D 47 -10.84 -21.28 9.70
CA PRO D 47 -11.26 -20.72 10.98
C PRO D 47 -12.39 -21.55 11.63
N LEU D 48 -13.29 -22.04 10.78
CA LEU D 48 -14.42 -22.84 11.23
C LEU D 48 -13.99 -24.17 11.80
N ALA D 50 -11.08 -24.95 12.93
CA ALA D 50 -10.24 -24.68 14.09
C ALA D 50 -11.11 -24.53 15.33
N ASP D 51 -12.24 -23.82 15.19
CA ASP D 51 -13.17 -23.61 16.30
C ASP D 51 -13.85 -24.93 16.63
N PHE D 52 -14.34 -25.61 15.60
CA PHE D 52 -15.00 -26.87 15.83
C PHE D 52 -14.09 -27.83 16.57
N TYR D 53 -12.83 -27.93 16.13
CA TYR D 53 -11.87 -28.82 16.77
C TYR D 53 -11.68 -28.41 18.23
N ALA D 54 -11.53 -27.10 18.49
CA ALA D 54 -11.34 -26.63 19.87
C ALA D 54 -12.54 -26.93 20.74
N ARG D 55 -13.71 -27.02 20.14
CA ARG D 55 -14.92 -27.28 20.90
C ARG D 55 -15.11 -28.78 21.09
N TYR D 56 -14.85 -29.56 20.05
CA TYR D 56 -15.02 -31.00 20.14
C TYR D 56 -13.77 -31.75 19.68
N PRO D 57 -12.67 -31.61 20.43
CA PRO D 57 -11.40 -32.26 20.13
C PRO D 57 -11.45 -33.77 19.93
N SER D 58 -12.50 -34.42 20.43
CA SER D 58 -12.65 -35.88 20.30
C SER D 58 -12.97 -36.37 18.89
N ILE D 59 -13.52 -35.48 18.07
CA ILE D 59 -13.88 -35.84 16.70
C ILE D 59 -12.75 -35.59 15.71
N THR D 60 -12.34 -36.62 15.01
CA THR D 60 -11.28 -36.45 14.05
C THR D 60 -11.90 -35.89 12.77
N LEU D 61 -11.17 -34.97 12.14
CA LEU D 61 -11.64 -34.27 10.95
C LEU D 61 -10.95 -34.61 9.63
N GLN D 62 -11.75 -34.66 8.57
CA GLN D 62 -11.29 -34.94 7.22
C GLN D 62 -11.75 -33.79 6.31
N LEU D 63 -10.80 -33.02 5.79
CA LEU D 63 -11.13 -31.90 4.91
C LEU D 63 -10.55 -32.09 3.51
N GLN D 64 -11.38 -31.94 2.48
CA GLN D 64 -10.91 -32.07 1.10
C GLN D 64 -11.50 -30.97 0.25
N GLU D 65 -10.67 -30.29 -0.52
CA GLU D 65 -11.17 -29.24 -1.42
C GLU D 65 -11.28 -29.91 -2.79
N SER D 67 -13.97 -30.03 -6.78
CA SER D 67 -14.97 -29.41 -7.65
C SER D 67 -16.34 -29.68 -7.08
N GLN D 68 -17.30 -28.82 -7.40
CA GLN D 68 -18.65 -29.00 -6.90
C GLN D 68 -19.26 -30.29 -7.39
N GLU D 69 -18.88 -30.71 -8.59
CA GLU D 69 -19.39 -31.95 -9.18
C GLU D 69 -19.03 -33.09 -8.24
N LYS D 70 -17.75 -33.13 -7.85
CA LYS D 70 -17.27 -34.18 -6.96
C LYS D 70 -18.03 -34.14 -5.64
N ILE D 71 -18.02 -32.99 -4.98
CA ILE D 71 -18.70 -32.84 -3.70
C ILE D 71 -20.09 -33.44 -3.79
N GLU D 72 -20.87 -32.94 -4.74
CA GLU D 72 -22.24 -33.43 -4.89
C GLU D 72 -22.27 -34.93 -5.04
N ASP D 73 -21.46 -35.45 -5.97
CA ASP D 73 -21.41 -36.87 -6.19
C ASP D 73 -21.12 -37.65 -4.92
N LEU D 75 -21.39 -36.72 -1.78
CA LEU D 75 -22.41 -36.58 -0.75
C LEU D 75 -23.56 -37.57 -1.00
N CYS D 76 -23.87 -37.78 -2.27
CA CYS D 76 -24.94 -38.69 -2.67
C CYS D 76 -24.55 -40.14 -2.36
N ARG D 77 -23.25 -40.42 -2.41
CA ARG D 77 -22.73 -41.76 -2.14
C ARG D 77 -22.41 -41.92 -0.66
N ASP D 78 -22.75 -40.92 0.15
CA ASP D 78 -22.47 -40.94 1.57
C ASP D 78 -20.98 -41.13 1.89
N GLU D 79 -20.13 -40.53 1.05
CA GLU D 79 -18.68 -40.56 1.22
C GLU D 79 -18.19 -39.25 1.85
N LEU D 80 -19.13 -38.32 2.06
CA LEU D 80 -18.85 -37.03 2.67
C LEU D 80 -20.00 -36.77 3.64
N ASP D 81 -19.69 -36.05 4.71
CA ASP D 81 -20.70 -35.74 5.72
C ASP D 81 -21.32 -34.36 5.46
N VAL D 82 -20.47 -33.43 5.03
CA VAL D 82 -20.92 -32.08 4.74
C VAL D 82 -20.12 -31.52 3.57
N GLY D 83 -20.76 -30.65 2.81
CA GLY D 83 -20.10 -30.03 1.67
C GLY D 83 -20.42 -28.55 1.61
N ILE D 84 -19.50 -27.77 1.04
CA ILE D 84 -19.72 -26.34 0.89
C ILE D 84 -19.40 -25.95 -0.54
N ALA D 85 -20.40 -25.38 -1.22
CA ALA D 85 -20.22 -24.95 -2.59
C ALA D 85 -21.22 -23.83 -2.89
N PHE D 86 -21.59 -23.68 -4.16
CA PHE D 86 -22.51 -22.62 -4.52
C PHE D 86 -23.84 -23.07 -5.12
N ALA D 87 -24.76 -22.13 -5.21
CA ALA D 87 -26.05 -22.39 -5.83
C ALA D 87 -25.80 -22.11 -7.32
N PRO D 88 -26.51 -22.81 -8.20
CA PRO D 88 -27.51 -23.83 -7.91
C PRO D 88 -26.91 -25.20 -7.70
N VAL D 89 -27.59 -26.05 -6.93
CA VAL D 89 -27.15 -27.42 -6.68
C VAL D 89 -27.78 -28.26 -7.78
N HIS D 90 -27.01 -29.17 -8.39
CA HIS D 90 -27.55 -29.99 -9.46
C HIS D 90 -28.30 -31.23 -8.95
N SER D 91 -27.70 -31.93 -8.01
CA SER D 91 -28.31 -33.14 -7.44
C SER D 91 -29.58 -32.85 -6.65
N PRO D 92 -30.68 -33.56 -6.97
CA PRO D 92 -31.96 -33.37 -6.28
C PRO D 92 -32.01 -34.05 -4.92
N GLU D 93 -31.07 -34.96 -4.67
CA GLU D 93 -31.01 -35.68 -3.39
C GLU D 93 -30.34 -34.86 -2.30
N LEU D 94 -29.70 -33.78 -2.69
CA LEU D 94 -29.00 -32.93 -1.74
C LEU D 94 -29.81 -31.73 -1.34
N GLU D 95 -29.61 -31.32 -0.10
CA GLU D 95 -30.30 -30.15 0.46
C GLU D 95 -29.28 -29.02 0.37
N ALA D 96 -29.75 -27.79 0.27
CA ALA D 96 -28.83 -26.66 0.17
C ALA D 96 -29.24 -25.53 1.10
N ILE D 97 -28.42 -25.27 2.11
CA ILE D 97 -28.74 -24.19 3.02
C ILE D 97 -27.82 -23.00 2.74
N PRO D 98 -28.41 -21.85 2.35
CA PRO D 98 -27.67 -20.63 2.03
C PRO D 98 -26.74 -20.22 3.16
N LEU D 99 -25.47 -20.01 2.83
CA LEU D 99 -24.48 -19.66 3.84
C LEU D 99 -24.05 -18.20 3.80
N LEU D 100 -23.65 -17.73 2.62
CA LEU D 100 -23.23 -16.35 2.45
C LEU D 100 -23.12 -15.98 0.97
N THR D 101 -22.92 -14.70 0.71
CA THR D 101 -22.79 -14.20 -0.65
C THR D 101 -21.37 -13.73 -0.90
N GLU D 102 -20.64 -14.40 -1.75
CA GLU D 102 -19.27 -13.95 -2.02
C GLU D 102 -19.22 -13.30 -3.40
N SER D 103 -18.66 -12.09 -3.44
CA SER D 103 -18.54 -11.36 -4.70
C SER D 103 -17.07 -11.13 -5.08
N LEU D 104 -16.75 -11.34 -6.36
CA LEU D 104 -15.40 -11.17 -6.84
C LEU D 104 -14.92 -9.75 -6.69
N ALA D 105 -13.64 -9.61 -6.38
CA ALA D 105 -13.04 -8.30 -6.22
C ALA D 105 -11.65 -8.34 -6.83
N LEU D 106 -11.10 -7.16 -7.09
CA LEU D 106 -9.77 -7.09 -7.64
C LEU D 106 -8.84 -7.13 -6.41
N VAL D 107 -8.09 -8.21 -6.27
CA VAL D 107 -7.19 -8.33 -5.13
C VAL D 107 -5.79 -7.92 -5.53
N VAL D 108 -5.21 -7.02 -4.75
CA VAL D 108 -3.89 -6.48 -5.03
C VAL D 108 -3.10 -6.30 -3.75
N ALA D 109 -1.81 -6.03 -3.91
CA ALA D 109 -0.94 -5.79 -2.76
C ALA D 109 -1.14 -4.33 -2.39
N GLN D 110 -0.69 -3.96 -1.19
CA GLN D 110 -0.82 -2.59 -0.74
C GLN D 110 -0.05 -1.60 -1.61
N HIS D 111 1.01 -2.06 -2.27
CA HIS D 111 1.80 -1.21 -3.13
C HIS D 111 1.26 -1.14 -4.55
N HIS D 112 0.12 -1.75 -4.79
CA HIS D 112 -0.49 -1.72 -6.12
C HIS D 112 -1.15 -0.34 -6.28
N PRO D 113 -0.95 0.30 -7.43
CA PRO D 113 -1.52 1.62 -7.71
C PRO D 113 -3.00 1.82 -7.47
N LEU D 114 -3.79 0.76 -7.53
CA LEU D 114 -5.22 0.93 -7.32
C LEU D 114 -5.61 0.63 -5.87
N ALA D 115 -4.67 0.11 -5.09
CA ALA D 115 -4.91 -0.22 -3.69
C ALA D 115 -5.47 0.93 -2.87
N VAL D 116 -5.13 2.14 -3.27
CA VAL D 116 -5.60 3.31 -2.55
C VAL D 116 -7.12 3.45 -2.56
N HIS D 117 -7.77 2.81 -3.53
CA HIS D 117 -9.22 2.89 -3.63
C HIS D 117 -9.89 1.73 -2.90
N GLU D 118 -11.18 1.89 -2.61
CA GLU D 118 -11.96 0.88 -1.93
C GLU D 118 -12.80 0.21 -3.01
N GLN D 119 -13.09 0.98 -4.04
CA GLN D 119 -13.90 0.49 -5.14
C GLN D 119 -13.47 1.20 -6.42
N VAL D 120 -13.43 0.47 -7.52
CA VAL D 120 -13.06 1.05 -8.81
C VAL D 120 -14.03 0.55 -9.86
N ALA D 121 -14.05 1.27 -10.98
CA ALA D 121 -14.92 0.93 -12.11
C ALA D 121 -14.54 -0.42 -12.68
N LEU D 122 -15.52 -1.17 -13.15
CA LEU D 122 -15.27 -2.48 -13.71
C LEU D 122 -14.38 -2.36 -14.96
N SER D 123 -14.47 -1.21 -15.62
CA SER D 123 -13.70 -0.94 -16.82
C SER D 123 -12.18 -0.95 -16.55
N ARG D 124 -11.80 -0.76 -15.29
CA ARG D 124 -10.38 -0.74 -14.93
C ARG D 124 -9.68 -2.05 -15.29
N LEU D 125 -10.45 -3.11 -15.47
CA LEU D 125 -9.88 -4.43 -15.79
C LEU D 125 -9.12 -4.48 -17.10
N HIS D 126 -9.54 -3.69 -18.07
CA HIS D 126 -8.89 -3.68 -19.36
C HIS D 126 -7.38 -3.40 -19.26
N ASP D 127 -6.97 -2.65 -18.24
CA ASP D 127 -5.57 -2.29 -18.08
C ASP D 127 -4.82 -3.08 -17.08
N GLU D 128 -5.51 -4.02 -16.43
CA GLU D 128 -4.86 -4.84 -15.44
C GLU D 128 -4.23 -6.12 -15.99
N LYS D 129 -2.99 -6.37 -15.58
CA LYS D 129 -2.27 -7.58 -15.96
C LYS D 129 -2.55 -8.55 -14.82
N LEU D 130 -3.31 -9.61 -15.13
CA LEU D 130 -3.74 -10.59 -14.13
C LEU D 130 -2.98 -11.88 -13.96
N VAL D 131 -3.12 -12.40 -12.75
CA VAL D 131 -2.59 -13.69 -12.35
C VAL D 131 -3.89 -14.39 -11.98
N LEU D 132 -4.29 -15.38 -12.77
CA LEU D 132 -5.53 -16.09 -12.53
C LEU D 132 -5.42 -17.60 -12.31
N LEU D 133 -6.46 -18.17 -11.71
CA LEU D 133 -6.53 -19.60 -11.51
C LEU D 133 -6.76 -20.20 -12.91
N SER D 134 -6.35 -21.45 -13.10
CA SER D 134 -6.51 -22.10 -14.40
C SER D 134 -7.94 -22.56 -14.65
N ALA D 135 -8.24 -22.84 -15.92
CA ALA D 135 -9.57 -23.27 -16.34
C ALA D 135 -10.15 -24.38 -15.47
N GLU D 136 -9.28 -25.19 -14.90
CA GLU D 136 -9.73 -26.28 -14.04
C GLU D 136 -10.76 -25.76 -13.04
N PHE D 137 -10.48 -24.59 -12.48
CA PHE D 137 -11.33 -23.97 -11.47
C PHE D 137 -12.60 -23.30 -11.95
N ALA D 138 -13.68 -23.51 -11.17
CA ALA D 138 -14.98 -22.93 -11.45
C ALA D 138 -14.94 -21.40 -11.38
N THR D 139 -14.19 -20.85 -10.43
CA THR D 139 -14.08 -19.40 -10.33
C THR D 139 -13.53 -18.83 -11.63
N ARG D 140 -12.49 -19.45 -12.20
CA ARG D 140 -11.93 -18.96 -13.45
C ARG D 140 -12.95 -19.03 -14.56
N GLU D 141 -13.72 -20.11 -14.56
CA GLU D 141 -14.73 -20.29 -15.59
C GLU D 141 -15.71 -19.15 -15.50
N GLN D 142 -16.14 -18.84 -14.28
CA GLN D 142 -17.10 -17.75 -14.07
C GLN D 142 -16.49 -16.43 -14.52
N ILE D 143 -15.25 -16.18 -14.12
CA ILE D 143 -14.56 -14.95 -14.49
C ILE D 143 -14.61 -14.74 -16.01
N ASP D 144 -14.13 -15.73 -16.76
CA ASP D 144 -14.14 -15.64 -18.22
C ASP D 144 -15.52 -15.37 -18.76
N HIS D 145 -16.51 -16.04 -18.19
CA HIS D 145 -17.87 -15.87 -18.65
C HIS D 145 -18.42 -14.46 -18.46
N TYR D 146 -18.38 -13.95 -17.24
CA TYR D 146 -18.90 -12.62 -17.01
C TYR D 146 -18.01 -11.53 -17.58
N CYS D 147 -16.73 -11.82 -17.71
CA CYS D 147 -15.84 -10.84 -18.31
C CYS D 147 -16.30 -10.59 -19.75
N GLU D 148 -16.37 -11.67 -20.53
CA GLU D 148 -16.80 -11.56 -21.93
C GLU D 148 -18.18 -10.91 -21.98
N LYS D 149 -19.05 -11.32 -21.06
CA LYS D 149 -20.39 -10.80 -20.99
C LYS D 149 -20.37 -9.28 -20.82
N ALA D 150 -19.36 -8.80 -20.10
CA ALA D 150 -19.27 -7.36 -19.84
C ALA D 150 -18.40 -6.66 -20.86
N GLY D 151 -17.91 -7.43 -21.83
CA GLY D 151 -17.06 -6.86 -22.85
C GLY D 151 -15.64 -6.61 -22.36
N LEU D 152 -15.25 -7.27 -21.27
CA LEU D 152 -13.92 -7.10 -20.71
C LEU D 152 -13.00 -8.27 -21.07
N HIS D 153 -11.82 -7.94 -21.61
CA HIS D 153 -10.86 -8.93 -22.03
C HIS D 153 -9.46 -8.65 -21.47
N PRO D 154 -9.32 -8.64 -20.14
CA PRO D 154 -8.02 -8.38 -19.54
C PRO D 154 -6.98 -9.41 -19.94
N GLN D 155 -5.72 -9.01 -19.87
CA GLN D 155 -4.57 -9.84 -20.22
C GLN D 155 -4.12 -10.67 -19.02
N VAL D 156 -4.08 -11.98 -19.21
CA VAL D 156 -3.65 -12.90 -18.18
C VAL D 156 -2.20 -13.23 -18.44
N VAL D 157 -1.32 -12.61 -17.67
CA VAL D 157 0.11 -12.81 -17.84
C VAL D 157 0.62 -14.05 -17.09
N ILE D 158 -0.08 -14.44 -16.03
CA ILE D 158 0.30 -15.63 -15.29
C ILE D 158 -0.92 -16.44 -14.81
N GLU D 159 -0.81 -17.76 -14.93
CA GLU D 159 -1.87 -18.69 -14.50
C GLU D 159 -1.26 -19.69 -13.51
N ALA D 160 -2.09 -20.16 -12.59
CA ALA D 160 -1.67 -21.14 -11.59
C ALA D 160 -2.86 -22.00 -11.20
N ASN D 161 -2.62 -23.18 -10.68
CA ASN D 161 -3.72 -24.06 -10.30
C ASN D 161 -3.83 -24.13 -8.80
N SER D 162 -3.43 -23.04 -8.15
CA SER D 162 -3.43 -22.93 -6.68
C SER D 162 -3.68 -21.49 -6.23
N ILE D 163 -4.66 -21.29 -5.34
CA ILE D 163 -4.97 -19.95 -4.86
C ILE D 163 -3.81 -19.33 -4.07
N SER D 164 -3.16 -20.13 -3.24
CA SER D 164 -2.06 -19.60 -2.46
C SER D 164 -0.94 -19.10 -3.38
N ALA D 165 -0.74 -19.78 -4.51
CA ALA D 165 0.30 -19.37 -5.47
C ALA D 165 -0.04 -18.01 -6.07
N VAL D 166 -1.32 -17.85 -6.43
CA VAL D 166 -1.79 -16.61 -6.98
C VAL D 166 -1.55 -15.48 -5.96
N LEU D 167 -1.95 -15.71 -4.72
CA LEU D 167 -1.78 -14.75 -3.65
C LEU D 167 -0.31 -14.44 -3.42
N GLU D 168 0.53 -15.46 -3.50
CA GLU D 168 1.95 -15.26 -3.30
C GLU D 168 2.48 -14.35 -4.42
N LEU D 169 2.12 -14.68 -5.66
CA LEU D 169 2.56 -13.90 -6.80
C LEU D 169 2.12 -12.45 -6.70
N ILE D 170 0.88 -12.24 -6.27
CA ILE D 170 0.37 -10.89 -6.15
C ILE D 170 1.03 -10.03 -5.06
N ARG D 171 1.46 -10.64 -3.97
CA ARG D 171 2.11 -9.89 -2.90
C ARG D 171 3.46 -9.37 -3.35
N ARG D 172 4.14 -10.16 -4.19
CA ARG D 172 5.47 -9.81 -4.66
C ARG D 172 5.55 -9.06 -5.97
N THR D 173 4.41 -8.78 -6.58
CA THR D 173 4.39 -8.04 -7.85
C THR D 173 3.39 -6.90 -7.77
N SER D 174 3.19 -6.24 -8.89
CA SER D 174 2.21 -5.16 -8.96
C SER D 174 1.07 -5.61 -9.85
N LEU D 175 0.90 -6.93 -9.93
CA LEU D 175 -0.15 -7.53 -10.73
C LEU D 175 -1.38 -7.68 -9.84
N SER D 176 -2.51 -8.09 -10.42
CA SER D 176 -3.73 -8.26 -9.64
C SER D 176 -4.45 -9.55 -10.04
N THR D 177 -5.48 -9.90 -9.30
CA THR D 177 -6.24 -11.11 -9.58
C THR D 177 -7.70 -10.89 -9.23
N LEU D 178 -8.54 -11.81 -9.67
CA LEU D 178 -9.94 -11.72 -9.34
C LEU D 178 -10.25 -12.89 -8.40
N LEU D 179 -10.70 -12.57 -7.19
CA LEU D 179 -11.03 -13.58 -6.19
C LEU D 179 -12.06 -13.01 -5.26
N PRO D 180 -12.73 -13.86 -4.47
CA PRO D 180 -13.73 -13.30 -3.56
C PRO D 180 -12.99 -12.37 -2.62
N ALA D 181 -13.64 -11.26 -2.26
CA ALA D 181 -13.03 -10.26 -1.39
C ALA D 181 -12.54 -10.79 -0.06
N ALA D 182 -13.33 -11.69 0.55
CA ALA D 182 -13.00 -12.27 1.84
C ALA D 182 -11.57 -12.75 1.96
N ILE D 183 -11.06 -13.36 0.89
CA ILE D 183 -9.69 -13.85 0.90
C ILE D 183 -8.67 -12.79 1.29
N ALA D 184 -8.97 -11.53 0.98
CA ALA D 184 -8.04 -10.43 1.27
C ALA D 184 -8.01 -10.05 2.72
N THR D 185 -9.12 -10.25 3.41
CA THR D 185 -9.20 -9.92 4.83
C THR D 185 -8.33 -10.89 5.68
N GLN D 186 -7.85 -11.95 5.03
CA GLN D 186 -7.03 -12.95 5.68
C GLN D 186 -5.55 -12.66 5.57
N HIS D 187 -5.20 -11.69 4.72
CA HIS D 187 -3.81 -11.36 4.53
C HIS D 187 -3.59 -9.84 4.65
N ASP D 188 -2.59 -9.47 5.41
CA ASP D 188 -2.29 -8.06 5.62
C ASP D 188 -1.86 -7.34 4.35
N GLY D 189 -0.84 -7.87 3.70
CA GLY D 189 -0.33 -7.26 2.48
C GLY D 189 -1.30 -7.25 1.32
N LEU D 190 -2.46 -7.84 1.50
CA LEU D 190 -3.46 -7.90 0.44
C LEU D 190 -4.69 -7.08 0.72
N LYS D 191 -5.26 -6.56 -0.36
CA LYS D 191 -6.46 -5.74 -0.29
C LYS D 191 -7.42 -6.07 -1.42
N ALA D 192 -8.71 -6.02 -1.08
CA ALA D 192 -9.74 -6.32 -2.05
C ALA D 192 -10.39 -5.03 -2.52
N ILE D 193 -10.29 -4.74 -3.82
CA ILE D 193 -10.89 -3.53 -4.38
C ILE D 193 -12.22 -3.91 -5.01
N SER D 194 -13.28 -3.21 -4.60
CA SER D 194 -14.61 -3.49 -5.11
C SER D 194 -14.72 -3.07 -6.56
N LEU D 195 -15.55 -3.80 -7.30
CA LEU D 195 -15.78 -3.52 -8.70
C LEU D 195 -17.19 -2.95 -8.90
N ALA D 196 -17.27 -1.82 -9.60
CA ALA D 196 -18.53 -1.15 -9.87
C ALA D 196 -18.78 -0.98 -11.37
N PRO D 197 -19.79 -1.68 -11.91
CA PRO D 197 -20.69 -2.59 -11.19
C PRO D 197 -19.97 -3.90 -10.87
N PRO D 198 -20.61 -4.77 -10.08
CA PRO D 198 -19.96 -6.04 -9.74
C PRO D 198 -19.83 -6.95 -10.96
N LEU D 199 -18.78 -7.77 -10.97
CA LEU D 199 -18.53 -8.69 -12.06
C LEU D 199 -19.27 -9.99 -11.81
N LEU D 200 -19.04 -10.57 -10.63
CA LEU D 200 -19.68 -11.83 -10.26
C LEU D 200 -20.04 -11.94 -8.79
N GLU D 201 -21.23 -12.44 -8.52
CA GLU D 201 -21.71 -12.65 -7.16
C GLU D 201 -22.34 -14.05 -7.08
N ARG D 202 -21.80 -14.90 -6.21
CA ARG D 202 -22.36 -16.24 -6.08
C ARG D 202 -22.85 -16.46 -4.66
N THR D 203 -23.75 -17.43 -4.50
CA THR D 203 -24.27 -17.73 -3.18
C THR D 203 -23.66 -19.00 -2.63
N ALA D 204 -22.94 -18.84 -1.51
CA ALA D 204 -22.30 -19.98 -0.87
C ALA D 204 -23.41 -20.80 -0.21
N VAL D 205 -23.25 -22.11 -0.24
CA VAL D 205 -24.25 -22.98 0.33
C VAL D 205 -23.67 -24.22 0.99
N LEU D 206 -24.33 -24.66 2.05
CA LEU D 206 -23.92 -25.88 2.77
C LEU D 206 -24.71 -27.01 2.13
N LEU D 207 -24.03 -28.12 1.84
CA LEU D 207 -24.69 -29.25 1.23
C LEU D 207 -24.72 -30.47 2.12
N ARG D 208 -25.82 -31.19 2.06
CA ARG D 208 -26.00 -32.41 2.83
C ARG D 208 -27.06 -33.20 2.08
N ARG D 209 -27.02 -34.52 2.20
CA ARG D 209 -27.99 -35.36 1.53
C ARG D 209 -29.29 -35.35 2.31
N LYS D 210 -30.40 -35.09 1.63
CA LYS D 210 -31.70 -35.07 2.30
C LYS D 210 -32.09 -36.49 2.68
N ASN D 211 -33.10 -36.63 3.52
CA ASN D 211 -33.57 -37.94 3.96
C ASN D 211 -32.39 -38.79 4.43
N SER D 212 -31.43 -38.15 5.08
CA SER D 212 -30.26 -38.82 5.62
C SER D 212 -30.04 -38.19 6.98
N TRP D 213 -29.96 -39.03 8.01
CA TRP D 213 -29.79 -38.53 9.36
C TRP D 213 -28.33 -38.34 9.73
N GLN D 214 -28.03 -37.10 10.09
CA GLN D 214 -26.70 -36.66 10.46
C GLN D 214 -26.28 -37.01 11.89
N THR D 215 -24.97 -37.10 12.07
CA THR D 215 -24.39 -37.39 13.37
C THR D 215 -24.41 -36.10 14.19
N ALA D 216 -24.18 -36.22 15.49
CA ALA D 216 -24.19 -35.05 16.36
C ALA D 216 -23.12 -34.06 15.90
N ALA D 217 -21.99 -34.61 15.46
CA ALA D 217 -20.88 -33.80 14.98
C ALA D 217 -21.30 -33.01 13.75
N ALA D 218 -21.92 -33.69 12.79
CA ALA D 218 -22.36 -33.07 11.55
C ALA D 218 -23.35 -31.96 11.85
N LYS D 219 -24.26 -32.20 12.77
CA LYS D 219 -25.27 -31.22 13.14
C LYS D 219 -24.60 -30.01 13.81
N ALA D 220 -23.70 -30.27 14.75
CA ALA D 220 -23.02 -29.18 15.44
C ALA D 220 -22.22 -28.37 14.42
N PHE D 221 -21.69 -29.06 13.43
CA PHE D 221 -20.91 -28.42 12.38
C PHE D 221 -21.78 -27.43 11.63
N LEU D 222 -22.93 -27.91 11.15
CA LEU D 222 -23.85 -27.03 10.42
C LEU D 222 -24.20 -25.81 11.24
N HIS D 223 -24.57 -26.02 12.49
CA HIS D 223 -24.93 -24.91 13.35
C HIS D 223 -23.82 -23.87 13.37
N ALA D 225 -21.27 -23.36 11.40
CA ALA D 225 -21.08 -22.74 10.11
C ALA D 225 -22.06 -21.60 9.93
N LEU D 226 -23.31 -21.81 10.33
CA LEU D 226 -24.34 -20.79 10.21
C LEU D 226 -24.16 -19.64 11.21
N ASP D 227 -23.74 -19.96 12.42
CA ASP D 227 -23.53 -18.94 13.44
C ASP D 227 -22.42 -17.99 13.01
N LYS D 228 -21.48 -18.52 12.25
CA LYS D 228 -20.33 -17.75 11.79
C LYS D 228 -20.67 -16.78 10.65
N CYS D 229 -21.78 -17.03 9.96
CA CYS D 229 -22.19 -16.20 8.84
C CYS D 229 -23.43 -15.35 9.14
N ALA D 230 -24.08 -15.61 10.27
CA ALA D 230 -25.32 -14.91 10.61
C ALA D 230 -25.24 -13.66 11.48
N VAL D 231 -26.42 -13.08 11.73
CA VAL D 231 -26.62 -11.89 12.56
C VAL D 231 -27.91 -11.17 12.14
#